data_6PHU
#
_entry.id   6PHU
#
_cell.length_a   90.724
_cell.length_b   127.241
_cell.length_c   151.820
_cell.angle_alpha   90.000
_cell.angle_beta   90.000
_cell.angle_gamma   90.000
#
_symmetry.space_group_name_H-M   'I 2 2 2'
#
loop_
_entity.id
_entity.type
_entity.pdbx_description
1 polymer Alpha-galactosidase
2 non-polymer 1,2-ETHANEDIOL
3 non-polymer 'L(+)-TARTARIC ACID'
4 water water
#
_entity_poly.entity_id   1
_entity_poly.type   'polypeptide(L)'
_entity_poly.pdbx_seq_one_letter_code
;MGSSHHHHHHSSGLVPRGSHMGVRIENNLFYVESKNLSLIIENRNGYLLLKHLGKTIKNYKGSNSVYERDHAFSGNPTAT
NRTFSLDTQRQIFGQHGLGDFRKPTIQVQHSVTEVTDFRFVEAKILKGQNGPQGLPSPHSMDDTETLVLMLEDSKAQLSL
TLYYTTFNNDATIASYSKLDNNSNQEVVIHKDFSFMADFPAADYEIVTLQGAYAREKTVRRQQVEQGIFSISSNRGASGH
AQTPALLLCEQGVTEDAGNVFAIQLMYSGNFEAFVQKNQLNEVRVAIGINPENFSWKLAPEEYFETPVALVTHSDQGLTG
ISHESQNFVLKHIMLSEFSKKERPILINNWEATYFDFQREKLLELADEAKKVGIELFVLDDGWFGNRFDDNRALGDWVVN
EEKLGGSLESLISAIHERGLQFGLWLEPEMISVDSDLYRQHPDWAIQVPGYEHTYSRNQLVLNLANPQVVEYLKSVLDQL
LFYHDIDYIKWDMNRNITKLGNGLTYLETQMQSHQYMLGLYELVSYLTEKHSHILFESCSGGGGRNDLGMMRYFPQVWAS
DNTDAIARLPIQYGSSYLYPTISMGAHVSAVPNHQMGRMTPLETRGLVAMMGNLGYELDLTNLSDEEKATIANQVNLYKE
LRPVVQLGQQYRLINPDTVSNEAAVQFNYGNQTIVTYVRVLSVVETMETTLKLKDLDEEGLYKLQENGEVYSGAELMYAG
LTVILSQGDFLSRQYIFRKL
;
_entity_poly.pdbx_strand_id   A
#
loop_
_chem_comp.id
_chem_comp.type
_chem_comp.name
_chem_comp.formula
EDO non-polymer 1,2-ETHANEDIOL 'C2 H6 O2'
TLA non-polymer 'L(+)-TARTARIC ACID' 'C4 H6 O6'
#
# COMPACT_ATOMS: atom_id res chain seq x y z
N SER A 19 -17.22 28.75 3.06
CA SER A 19 -16.35 27.55 3.17
C SER A 19 -16.45 26.72 1.89
N HIS A 20 -15.46 26.90 1.00
CA HIS A 20 -15.41 26.14 -0.24
C HIS A 20 -15.38 24.66 0.09
N MET A 21 -14.65 24.26 1.15
CA MET A 21 -14.48 22.85 1.49
C MET A 21 -14.90 22.54 2.93
N GLY A 22 -15.29 21.26 3.15
CA GLY A 22 -15.79 20.75 4.41
C GLY A 22 -17.13 20.04 4.22
N VAL A 23 -17.94 19.99 5.28
CA VAL A 23 -19.21 19.29 5.20
C VAL A 23 -20.36 20.29 5.32
N ARG A 24 -21.40 20.06 4.51
CA ARG A 24 -22.60 20.89 4.56
C ARG A 24 -23.85 20.01 4.55
N ILE A 25 -24.88 20.42 5.32
CA ILE A 25 -26.18 19.76 5.37
C ILE A 25 -27.24 20.76 4.94
N GLU A 26 -27.83 20.55 3.77
CA GLU A 26 -28.79 21.49 3.21
C GLU A 26 -30.09 20.75 2.87
N ASN A 27 -31.11 20.92 3.73
CA ASN A 27 -32.36 20.18 3.66
C ASN A 27 -32.03 18.69 3.67
N ASN A 28 -32.35 17.99 2.56
CA ASN A 28 -32.19 16.54 2.54
C ASN A 28 -30.90 16.10 1.83
N LEU A 29 -30.01 17.06 1.56
CA LEU A 29 -28.75 16.79 0.88
C LEU A 29 -27.61 16.96 1.87
N PHE A 30 -26.67 16.01 1.82
CA PHE A 30 -25.40 16.14 2.51
C PHE A 30 -24.28 16.31 1.48
N TYR A 31 -23.47 17.36 1.66
CA TYR A 31 -22.32 17.64 0.82
C TYR A 31 -21.05 17.37 1.62
N VAL A 32 -20.26 16.39 1.13
CA VAL A 32 -18.91 16.12 1.61
C VAL A 32 -17.95 16.65 0.56
N GLU A 33 -17.25 17.75 0.89
CA GLU A 33 -16.53 18.54 -0.08
C GLU A 33 -15.04 18.61 0.24
N SER A 34 -14.24 17.77 -0.43
CA SER A 34 -12.79 17.90 -0.47
C SER A 34 -12.38 18.80 -1.63
N LYS A 35 -11.07 19.05 -1.73
CA LYS A 35 -10.53 19.83 -2.84
C LYS A 35 -10.87 19.12 -4.15
N ASN A 36 -11.80 19.70 -4.93
CA ASN A 36 -12.08 19.22 -6.28
C ASN A 36 -12.79 17.87 -6.27
N LEU A 37 -13.34 17.48 -5.12
CA LEU A 37 -14.08 16.23 -5.08
C LEU A 37 -15.20 16.30 -4.05
N SER A 38 -16.41 16.00 -4.53
CA SER A 38 -17.61 16.02 -3.70
C SER A 38 -18.30 14.66 -3.72
N LEU A 39 -18.90 14.34 -2.57
CA LEU A 39 -19.88 13.27 -2.44
C LEU A 39 -21.16 13.94 -1.97
N ILE A 40 -22.22 13.80 -2.78
CA ILE A 40 -23.50 14.38 -2.50
C ILE A 40 -24.47 13.23 -2.27
N ILE A 41 -25.03 13.21 -1.06
CA ILE A 41 -25.92 12.16 -0.58
C ILE A 41 -27.27 12.80 -0.29
N GLU A 42 -28.34 12.09 -0.68
CA GLU A 42 -29.68 12.54 -0.36
C GLU A 42 -30.28 11.57 0.66
N ASN A 43 -30.91 12.15 1.68
CA ASN A 43 -31.78 11.39 2.57
C ASN A 43 -33.17 11.34 1.95
N ARG A 44 -33.59 10.12 1.64
CA ARG A 44 -34.91 9.88 1.11
C ARG A 44 -35.68 8.94 2.04
N ASN A 45 -36.42 9.55 2.97
CA ASN A 45 -37.25 8.87 3.96
C ASN A 45 -36.50 7.78 4.72
N GLY A 46 -35.25 8.04 5.11
CA GLY A 46 -34.45 7.07 5.83
C GLY A 46 -33.47 6.30 4.91
N TYR A 47 -33.70 6.34 3.59
CA TYR A 47 -32.80 5.68 2.65
C TYR A 47 -31.77 6.69 2.13
N LEU A 48 -30.51 6.27 2.07
CA LEU A 48 -29.47 7.19 1.63
C LEU A 48 -29.13 6.93 0.15
N LEU A 49 -29.27 7.96 -0.68
CA LEU A 49 -29.01 7.84 -2.11
C LEU A 49 -27.72 8.58 -2.48
N LEU A 50 -26.89 7.92 -3.30
CA LEU A 50 -25.69 8.54 -3.88
C LEU A 50 -26.17 9.36 -5.09
N LYS A 51 -26.07 10.68 -4.99
CA LYS A 51 -26.55 11.58 -6.03
C LYS A 51 -25.41 11.94 -6.98
N HIS A 52 -24.21 12.15 -6.43
CA HIS A 52 -23.05 12.48 -7.25
C HIS A 52 -21.77 12.20 -6.46
N LEU A 53 -20.77 11.65 -7.17
CA LEU A 53 -19.41 11.55 -6.67
C LEU A 53 -18.50 11.93 -7.83
N GLY A 54 -17.72 12.98 -7.64
CA GLY A 54 -16.95 13.53 -8.74
C GLY A 54 -16.61 14.98 -8.44
N LYS A 55 -16.34 15.74 -9.51
CA LYS A 55 -15.95 17.14 -9.40
C LYS A 55 -17.02 17.96 -8.68
N THR A 56 -16.54 19.05 -8.06
CA THR A 56 -17.28 19.92 -7.17
C THR A 56 -18.53 20.44 -7.88
N ILE A 57 -19.67 20.28 -7.19
CA ILE A 57 -20.95 20.88 -7.60
C ILE A 57 -21.55 21.55 -6.37
N LYS A 58 -21.89 22.82 -6.50
CA LYS A 58 -22.69 23.50 -5.49
C LYS A 58 -24.12 23.64 -6.03
N ASN A 59 -25.08 23.86 -5.14
CA ASN A 59 -26.49 24.05 -5.49
C ASN A 59 -26.90 22.95 -6.47
N TYR A 60 -26.64 21.71 -6.08
CA TYR A 60 -26.98 20.52 -6.85
C TYR A 60 -28.50 20.38 -6.93
N LYS A 61 -29.03 20.12 -8.13
CA LYS A 61 -30.46 20.05 -8.33
C LYS A 61 -30.93 18.62 -8.60
N GLY A 62 -30.11 17.80 -9.28
CA GLY A 62 -30.45 16.42 -9.55
C GLY A 62 -30.66 16.12 -11.04
N SER A 63 -29.84 16.75 -11.89
CA SER A 63 -29.90 16.50 -13.31
C SER A 63 -29.66 15.01 -13.62
N ASN A 64 -28.83 14.34 -12.79
CA ASN A 64 -28.49 12.95 -13.02
C ASN A 64 -29.23 11.99 -12.08
N SER A 65 -30.42 12.37 -11.60
CA SER A 65 -31.16 11.46 -10.71
C SER A 65 -31.58 10.21 -11.45
N VAL A 66 -31.62 9.10 -10.72
CA VAL A 66 -32.19 7.87 -11.23
C VAL A 66 -33.65 8.17 -11.56
N TYR A 67 -34.07 7.78 -12.75
CA TYR A 67 -35.48 7.86 -13.10
C TYR A 67 -36.19 6.63 -12.54
N GLU A 68 -37.17 6.89 -11.68
CA GLU A 68 -37.93 5.86 -10.99
C GLU A 68 -38.97 5.23 -11.92
N ARG A 69 -38.71 3.97 -12.28
CA ARG A 69 -39.53 3.13 -13.14
C ARG A 69 -39.85 1.85 -12.37
N ASP A 70 -40.93 1.18 -12.79
CA ASP A 70 -41.17 -0.20 -12.40
C ASP A 70 -40.19 -1.08 -13.18
N HIS A 71 -39.22 -1.70 -12.49
CA HIS A 71 -38.29 -2.64 -13.13
C HIS A 71 -38.67 -4.07 -12.73
N ALA A 72 -38.80 -4.97 -13.71
CA ALA A 72 -39.33 -6.30 -13.38
C ALA A 72 -38.43 -6.97 -12.34
N PHE A 73 -39.06 -7.53 -11.29
CA PHE A 73 -38.38 -8.34 -10.28
C PHE A 73 -37.55 -7.46 -9.34
N SER A 74 -37.64 -6.14 -9.50
CA SER A 74 -37.05 -5.23 -8.53
C SER A 74 -38.11 -4.81 -7.52
N GLY A 75 -38.06 -5.41 -6.32
CA GLY A 75 -39.10 -5.33 -5.30
C GLY A 75 -39.12 -4.00 -4.55
N ASN A 76 -40.07 -3.85 -3.62
CA ASN A 76 -40.43 -2.55 -3.06
C ASN A 76 -40.65 -2.62 -1.54
N PRO A 77 -40.28 -1.57 -0.78
CA PRO A 77 -40.59 -1.49 0.66
C PRO A 77 -42.07 -1.38 1.06
N THR A 78 -42.90 -0.84 0.15
CA THR A 78 -44.33 -0.70 0.38
C THR A 78 -45.06 -1.46 -0.73
N ALA A 79 -46.32 -1.85 -0.49
CA ALA A 79 -47.08 -2.63 -1.45
C ALA A 79 -47.40 -1.84 -2.72
N THR A 80 -47.60 -0.52 -2.59
CA THR A 80 -48.33 0.24 -3.59
C THR A 80 -47.42 1.12 -4.46
N ASN A 81 -46.12 1.16 -4.16
CA ASN A 81 -45.25 1.95 -5.02
C ASN A 81 -44.21 1.02 -5.63
N ARG A 82 -44.39 0.73 -6.91
CA ARG A 82 -43.58 -0.23 -7.63
C ARG A 82 -42.33 0.44 -8.22
N THR A 83 -42.28 1.79 -8.23
CA THR A 83 -41.21 2.52 -8.91
C THR A 83 -39.99 2.73 -8.02
N PHE A 84 -40.16 2.65 -6.67
CA PHE A 84 -39.06 2.79 -5.73
C PHE A 84 -38.53 1.41 -5.33
N SER A 85 -37.28 1.13 -5.70
CA SER A 85 -36.67 -0.15 -5.37
C SER A 85 -35.19 0.07 -5.02
N LEU A 86 -34.75 -0.55 -3.92
CA LEU A 86 -33.34 -0.51 -3.57
C LEU A 86 -32.52 -1.38 -4.51
N ASP A 87 -33.18 -2.12 -5.42
CA ASP A 87 -32.53 -2.80 -6.54
C ASP A 87 -32.04 -1.81 -7.60
N THR A 88 -32.63 -0.59 -7.67
CA THR A 88 -32.42 0.32 -8.79
C THR A 88 -31.91 1.70 -8.35
N GLN A 89 -31.91 1.98 -7.04
CA GLN A 89 -31.41 3.25 -6.53
C GLN A 89 -29.90 3.12 -6.33
N ARG A 90 -29.16 4.20 -6.57
CA ARG A 90 -27.73 4.28 -6.32
C ARG A 90 -27.49 4.63 -4.86
N GLN A 91 -26.63 3.86 -4.18
CA GLN A 91 -26.51 3.91 -2.72
C GLN A 91 -25.04 4.03 -2.28
N ILE A 92 -24.83 4.17 -0.97
CA ILE A 92 -23.47 4.26 -0.46
C ILE A 92 -23.20 3.09 0.47
N PHE A 93 -24.23 2.28 0.74
CA PHE A 93 -24.02 1.00 1.40
C PHE A 93 -25.13 0.05 0.99
N GLY A 94 -24.84 -1.25 1.05
CA GLY A 94 -25.67 -2.25 0.42
C GLY A 94 -26.11 -3.31 1.44
N GLN A 95 -27.41 -3.59 1.42
CA GLN A 95 -27.98 -4.64 2.25
C GLN A 95 -28.64 -5.69 1.36
N HIS A 96 -28.84 -6.86 1.95
CA HIS A 96 -29.47 -7.97 1.25
C HIS A 96 -30.78 -8.28 1.95
N GLY A 97 -31.84 -8.51 1.19
CA GLY A 97 -33.11 -8.98 1.73
C GLY A 97 -34.22 -7.93 1.72
N LEU A 98 -33.89 -6.70 1.27
CA LEU A 98 -34.82 -5.58 1.22
C LEU A 98 -35.22 -5.30 -0.22
N GLY A 99 -34.73 -6.12 -1.16
CA GLY A 99 -35.05 -5.97 -2.58
C GLY A 99 -33.83 -5.63 -3.44
N ASP A 100 -32.76 -5.11 -2.81
CA ASP A 100 -31.52 -4.90 -3.56
C ASP A 100 -30.78 -6.23 -3.67
N PHE A 101 -30.49 -6.68 -4.91
CA PHE A 101 -29.83 -7.96 -5.06
C PHE A 101 -28.35 -7.82 -5.43
N ARG A 102 -27.84 -6.59 -5.53
CA ARG A 102 -26.41 -6.37 -5.72
C ARG A 102 -25.65 -6.81 -4.46
N LYS A 103 -24.36 -7.11 -4.61
CA LYS A 103 -23.55 -7.61 -3.51
C LYS A 103 -23.68 -6.65 -2.32
N PRO A 104 -23.98 -7.15 -1.10
CA PRO A 104 -24.10 -6.26 0.07
C PRO A 104 -22.76 -5.93 0.73
N THR A 105 -22.71 -4.83 1.48
CA THR A 105 -21.48 -4.42 2.14
C THR A 105 -21.61 -4.38 3.67
N ILE A 106 -22.86 -4.47 4.19
CA ILE A 106 -23.13 -4.69 5.60
C ILE A 106 -24.11 -5.85 5.73
N GLN A 107 -23.77 -6.84 6.56
CA GLN A 107 -24.65 -7.99 6.77
C GLN A 107 -24.44 -8.52 8.18
N VAL A 108 -25.52 -8.50 8.99
CA VAL A 108 -25.41 -8.80 10.42
C VAL A 108 -26.47 -9.83 10.79
N GLN A 109 -26.01 -10.92 11.41
CA GLN A 109 -26.88 -11.94 11.99
C GLN A 109 -27.34 -11.47 13.37
N HIS A 110 -28.67 -11.49 13.59
CA HIS A 110 -29.27 -11.26 14.90
C HIS A 110 -30.54 -12.09 15.01
N SER A 111 -30.74 -12.76 16.14
CA SER A 111 -31.90 -13.64 16.28
C SER A 111 -31.85 -14.68 15.15
N VAL A 112 -32.97 -14.87 14.43
CA VAL A 112 -33.09 -15.95 13.46
C VAL A 112 -32.78 -15.49 12.03
N THR A 113 -32.19 -14.29 11.88
CA THR A 113 -32.08 -13.66 10.58
C THR A 113 -30.74 -12.96 10.40
N GLU A 114 -30.35 -12.69 9.15
CA GLU A 114 -29.30 -11.72 8.87
C GLU A 114 -29.81 -10.59 7.99
N VAL A 115 -31.14 -10.38 8.02
CA VAL A 115 -31.77 -9.19 7.46
C VAL A 115 -31.66 -8.06 8.47
N THR A 116 -31.01 -6.96 8.05
CA THR A 116 -31.15 -5.68 8.74
C THR A 116 -31.85 -4.70 7.79
N ASP A 117 -32.33 -3.60 8.40
CA ASP A 117 -32.91 -2.51 7.64
C ASP A 117 -32.51 -1.21 8.34
N PHE A 118 -31.30 -0.74 8.03
CA PHE A 118 -30.75 0.45 8.65
C PHE A 118 -31.36 1.69 8.00
N ARG A 119 -31.96 2.54 8.84
CA ARG A 119 -32.56 3.78 8.34
C ARG A 119 -31.81 4.96 8.93
N PHE A 120 -31.61 5.98 8.10
CA PHE A 120 -30.99 7.22 8.55
C PHE A 120 -31.87 7.85 9.61
N VAL A 121 -31.27 8.25 10.74
CA VAL A 121 -32.02 8.94 11.78
C VAL A 121 -31.48 10.36 12.00
N GLU A 122 -30.16 10.57 11.86
CA GLU A 122 -29.58 11.83 12.30
C GLU A 122 -28.17 12.02 11.73
N ALA A 123 -27.82 13.25 11.37
CA ALA A 123 -26.48 13.59 10.93
C ALA A 123 -25.79 14.59 11.87
N LYS A 124 -24.48 14.42 12.06
CA LYS A 124 -23.59 15.34 12.77
C LYS A 124 -22.36 15.66 11.92
N ILE A 125 -21.67 16.77 12.23
CA ILE A 125 -20.42 17.14 11.59
C ILE A 125 -19.33 17.26 12.66
N LEU A 126 -18.19 16.55 12.48
CA LEU A 126 -17.00 16.73 13.32
C LEU A 126 -15.98 17.61 12.61
N LYS A 127 -15.13 18.28 13.40
CA LYS A 127 -13.94 18.95 12.87
C LYS A 127 -12.71 18.18 13.33
N GLY A 128 -11.68 18.08 12.49
CA GLY A 128 -10.37 17.58 12.89
C GLY A 128 -10.31 16.07 13.17
N GLN A 129 -9.31 15.70 13.97
CA GLN A 129 -8.78 14.35 14.08
C GLN A 129 -9.89 13.35 14.39
N ASN A 130 -9.91 12.23 13.67
CA ASN A 130 -11.03 11.29 13.75
C ASN A 130 -10.66 10.00 13.03
N GLY A 131 -10.95 8.84 13.64
CA GLY A 131 -10.70 7.58 12.96
C GLY A 131 -11.07 6.38 13.80
N PRO A 132 -11.05 5.16 13.25
CA PRO A 132 -11.35 3.95 14.02
C PRO A 132 -10.22 3.70 15.01
N GLN A 133 -10.56 3.16 16.20
CA GLN A 133 -9.58 2.82 17.23
C GLN A 133 -8.86 1.54 16.82
N GLY A 134 -7.51 1.57 16.88
CA GLY A 134 -6.69 0.37 16.77
C GLY A 134 -6.41 -0.05 15.33
N LEU A 135 -6.80 0.79 14.37
CA LEU A 135 -6.55 0.60 12.94
C LEU A 135 -5.84 1.82 12.35
N PRO A 136 -4.96 1.70 11.33
CA PRO A 136 -4.24 2.87 10.80
C PRO A 136 -5.20 3.85 10.11
N SER A 137 -5.01 5.15 10.35
CA SER A 137 -5.91 6.13 9.74
C SER A 137 -5.17 7.42 9.47
N PRO A 138 -5.75 8.33 8.65
CA PRO A 138 -5.05 9.57 8.26
C PRO A 138 -4.57 10.45 9.43
N HIS A 139 -3.47 11.16 9.21
CA HIS A 139 -3.01 12.12 10.21
C HIS A 139 -3.02 13.51 9.57
N SER A 140 -2.58 14.52 10.33
CA SER A 140 -2.58 15.89 9.85
C SER A 140 -4.00 16.25 9.41
N MET A 141 -4.94 16.18 10.36
CA MET A 141 -6.36 16.31 10.09
C MET A 141 -6.96 17.63 10.59
N ASP A 142 -6.12 18.65 10.87
CA ASP A 142 -6.61 19.91 11.39
C ASP A 142 -7.63 20.56 10.46
N ASP A 143 -7.41 20.44 9.14
CA ASP A 143 -8.27 21.12 8.19
C ASP A 143 -9.20 20.12 7.51
N THR A 144 -9.79 19.25 8.33
CA THR A 144 -10.76 18.32 7.81
C THR A 144 -12.05 18.47 8.61
N GLU A 145 -13.16 18.03 7.98
CA GLU A 145 -14.43 17.84 8.64
C GLU A 145 -14.93 16.43 8.32
N THR A 146 -15.75 15.88 9.21
CA THR A 146 -16.26 14.53 9.03
C THR A 146 -17.79 14.53 9.13
N LEU A 147 -18.45 14.01 8.07
CA LEU A 147 -19.88 13.78 8.08
C LEU A 147 -20.19 12.48 8.83
N VAL A 148 -21.05 12.59 9.85
CA VAL A 148 -21.45 11.46 10.67
C VAL A 148 -22.91 11.16 10.37
N LEU A 149 -23.16 10.02 9.72
CA LEU A 149 -24.50 9.63 9.33
C LEU A 149 -24.95 8.46 10.21
N MET A 150 -25.91 8.76 11.10
CA MET A 150 -26.34 7.80 12.10
C MET A 150 -27.59 7.06 11.64
N LEU A 151 -27.45 5.73 11.46
CA LEU A 151 -28.48 4.83 10.97
C LEU A 151 -28.86 3.86 12.09
N GLU A 152 -30.13 3.47 12.16
CA GLU A 152 -30.57 2.50 13.16
C GLU A 152 -31.50 1.49 12.53
N ASP A 153 -31.43 0.26 13.01
CA ASP A 153 -32.45 -0.74 12.71
C ASP A 153 -33.25 -0.92 14.00
N SER A 154 -34.43 -0.31 14.07
CA SER A 154 -35.06 -0.25 15.38
C SER A 154 -35.44 -1.66 15.88
N LYS A 155 -35.91 -2.53 15.00
CA LYS A 155 -36.26 -3.88 15.42
C LYS A 155 -35.03 -4.67 15.90
N ALA A 156 -33.89 -4.58 15.22
CA ALA A 156 -32.72 -5.35 15.63
C ALA A 156 -31.98 -4.68 16.78
N GLN A 157 -32.26 -3.39 17.02
CA GLN A 157 -31.64 -2.61 18.07
C GLN A 157 -30.13 -2.52 17.79
N LEU A 158 -29.82 -2.12 16.56
CA LEU A 158 -28.46 -1.96 16.07
C LEU A 158 -28.31 -0.55 15.51
N SER A 159 -27.11 0.00 15.67
CA SER A 159 -26.76 1.27 15.07
C SER A 159 -25.61 1.03 14.08
N LEU A 160 -25.73 1.66 12.91
CA LEU A 160 -24.63 1.74 11.96
C LEU A 160 -24.35 3.22 11.73
N THR A 161 -23.11 3.62 11.99
CA THR A 161 -22.71 5.02 11.79
C THR A 161 -21.67 5.10 10.67
N LEU A 162 -21.97 5.92 9.66
CA LEU A 162 -21.06 6.10 8.55
C LEU A 162 -20.33 7.43 8.70
N TYR A 163 -19.02 7.42 8.42
CA TYR A 163 -18.19 8.61 8.48
C TYR A 163 -17.56 8.86 7.11
N TYR A 164 -17.60 10.13 6.69
CA TYR A 164 -16.93 10.62 5.50
C TYR A 164 -16.14 11.88 5.82
N THR A 165 -14.84 11.87 5.50
CA THR A 165 -13.93 12.92 5.90
C THR A 165 -13.37 13.62 4.67
N THR A 166 -13.42 14.95 4.71
CA THR A 166 -12.90 15.80 3.65
C THR A 166 -11.44 16.11 3.92
N PHE A 167 -10.70 16.43 2.85
CA PHE A 167 -9.35 16.96 2.97
C PHE A 167 -9.32 18.24 2.15
N ASN A 168 -8.69 19.28 2.69
CA ASN A 168 -8.75 20.59 2.06
C ASN A 168 -7.65 20.73 1.02
N ASN A 169 -6.68 19.78 1.03
CA ASN A 169 -5.50 19.92 0.20
C ASN A 169 -5.36 18.74 -0.78
N ASP A 170 -6.35 17.84 -0.83
CA ASP A 170 -6.28 16.69 -1.71
C ASP A 170 -7.68 16.31 -2.18
N ALA A 171 -7.77 15.81 -3.43
CA ALA A 171 -9.00 15.26 -3.95
C ALA A 171 -9.22 13.83 -3.48
N THR A 172 -9.32 13.66 -2.14
CA THR A 172 -9.61 12.40 -1.50
C THR A 172 -10.66 12.60 -0.41
N ILE A 173 -11.52 11.59 -0.27
CA ILE A 173 -12.44 11.44 0.86
C ILE A 173 -12.16 10.11 1.54
N ALA A 174 -12.18 10.11 2.88
CA ALA A 174 -11.95 8.89 3.64
C ALA A 174 -13.26 8.46 4.31
N SER A 175 -13.41 7.13 4.45
CA SER A 175 -14.64 6.59 5.02
C SER A 175 -14.34 5.36 5.88
N TYR A 176 -15.24 5.12 6.85
CA TYR A 176 -15.26 3.93 7.66
C TYR A 176 -16.61 3.91 8.36
N SER A 177 -16.90 2.84 9.10
CA SER A 177 -18.18 2.76 9.78
C SER A 177 -18.00 2.20 11.19
N LYS A 178 -18.98 2.47 12.06
CA LYS A 178 -19.08 1.85 13.37
C LYS A 178 -20.46 1.19 13.49
N LEU A 179 -20.45 -0.08 13.90
CA LEU A 179 -21.66 -0.88 14.14
C LEU A 179 -21.77 -1.07 15.65
N ASP A 180 -22.87 -0.60 16.25
CA ASP A 180 -23.14 -0.79 17.66
C ASP A 180 -24.27 -1.80 17.82
N ASN A 181 -24.09 -2.76 18.76
CA ASN A 181 -25.12 -3.65 19.23
C ASN A 181 -25.81 -3.08 20.48
N ASN A 182 -27.06 -2.62 20.33
CA ASN A 182 -27.77 -2.01 21.44
C ASN A 182 -28.83 -2.97 21.97
N SER A 183 -28.79 -4.24 21.54
CA SER A 183 -29.76 -5.25 21.92
C SER A 183 -29.25 -6.05 23.13
N ASN A 184 -30.09 -6.99 23.58
CA ASN A 184 -29.88 -7.80 24.77
C ASN A 184 -29.27 -9.14 24.39
N GLN A 185 -28.93 -9.32 23.11
CA GLN A 185 -28.37 -10.59 22.64
C GLN A 185 -27.10 -10.35 21.84
N GLU A 186 -26.31 -11.42 21.72
CA GLU A 186 -25.16 -11.46 20.85
C GLU A 186 -25.62 -11.32 19.40
N VAL A 187 -24.86 -10.55 18.61
CA VAL A 187 -25.07 -10.48 17.17
C VAL A 187 -23.73 -10.75 16.49
N VAL A 188 -23.79 -11.13 15.20
CA VAL A 188 -22.57 -11.50 14.48
C VAL A 188 -22.51 -10.76 13.14
N ILE A 189 -21.42 -9.99 12.93
CA ILE A 189 -21.15 -9.34 11.66
C ILE A 189 -20.55 -10.38 10.70
N HIS A 190 -21.13 -10.47 9.49
CA HIS A 190 -20.66 -11.36 8.44
C HIS A 190 -19.97 -10.59 7.31
N LYS A 191 -20.49 -9.40 6.94
CA LYS A 191 -19.88 -8.51 5.97
C LYS A 191 -19.90 -7.08 6.52
N ASP A 192 -18.76 -6.38 6.37
CA ASP A 192 -18.70 -4.98 6.74
C ASP A 192 -17.56 -4.32 5.96
N PHE A 193 -17.88 -3.84 4.76
CA PHE A 193 -16.93 -3.15 3.90
C PHE A 193 -16.73 -1.71 4.41
N SER A 194 -15.68 -1.04 3.91
CA SER A 194 -15.30 0.29 4.39
C SER A 194 -15.81 1.40 3.45
N PHE A 195 -16.19 1.02 2.23
CA PHE A 195 -16.63 1.99 1.23
C PHE A 195 -17.34 1.27 0.09
N MET A 196 -18.42 1.89 -0.37
CA MET A 196 -19.16 1.39 -1.52
C MET A 196 -19.64 2.59 -2.33
N ALA A 197 -19.70 2.42 -3.67
CA ALA A 197 -20.37 3.44 -4.48
C ALA A 197 -21.06 2.78 -5.67
N ASP A 198 -22.31 3.21 -5.91
CA ASP A 198 -23.05 2.88 -7.12
C ASP A 198 -22.85 3.98 -8.15
N PHE A 199 -22.23 3.63 -9.30
CA PHE A 199 -21.98 4.56 -10.39
C PHE A 199 -22.97 4.33 -11.52
N PRO A 200 -23.34 5.39 -12.28
CA PRO A 200 -24.34 5.25 -13.35
C PRO A 200 -23.84 4.34 -14.47
N ALA A 201 -24.79 3.63 -15.10
CA ALA A 201 -24.47 2.84 -16.29
C ALA A 201 -23.73 3.72 -17.30
N ALA A 202 -22.52 3.26 -17.68
CA ALA A 202 -21.65 3.85 -18.69
C ALA A 202 -20.58 2.80 -19.02
N ASP A 203 -19.72 3.09 -20.01
CA ASP A 203 -18.59 2.22 -20.31
C ASP A 203 -17.49 2.50 -19.32
N TYR A 204 -16.94 1.44 -18.70
CA TYR A 204 -15.84 1.65 -17.78
C TYR A 204 -14.71 0.64 -17.99
N GLU A 205 -13.52 1.04 -17.58
CA GLU A 205 -12.39 0.13 -17.48
C GLU A 205 -11.95 0.11 -16.01
N ILE A 206 -11.25 -0.95 -15.63
CA ILE A 206 -10.70 -0.92 -14.29
C ILE A 206 -9.20 -1.15 -14.39
N VAL A 207 -8.47 -0.50 -13.49
CA VAL A 207 -7.05 -0.72 -13.31
C VAL A 207 -6.82 -1.24 -11.89
N THR A 208 -6.07 -2.35 -11.79
CA THR A 208 -5.64 -2.89 -10.50
C THR A 208 -4.16 -3.26 -10.56
N LEU A 209 -3.60 -3.50 -9.37
CA LEU A 209 -2.23 -3.93 -9.19
C LEU A 209 -2.30 -5.35 -8.59
N GLN A 210 -1.80 -6.30 -9.38
CA GLN A 210 -1.86 -7.71 -9.07
C GLN A 210 -0.45 -8.28 -9.12
N GLY A 211 -0.22 -9.31 -9.94
CA GLY A 211 1.14 -9.83 -10.01
C GLY A 211 1.36 -11.07 -9.14
N ALA A 212 2.58 -11.21 -8.60
CA ALA A 212 3.04 -12.43 -7.92
C ALA A 212 4.30 -12.11 -7.11
N TYR A 213 4.72 -13.04 -6.23
CA TYR A 213 6.05 -12.91 -5.67
C TYR A 213 7.05 -12.76 -6.81
N ALA A 214 8.00 -11.83 -6.66
CA ALA A 214 9.04 -11.49 -7.61
C ALA A 214 8.47 -10.86 -8.88
N ARG A 215 7.16 -10.51 -8.85
CA ARG A 215 6.45 -9.81 -9.91
C ARG A 215 5.38 -8.86 -9.34
N GLU A 216 5.68 -8.12 -8.27
CA GLU A 216 4.65 -7.47 -7.46
C GLU A 216 4.00 -6.34 -8.26
N LYS A 217 2.72 -6.09 -7.96
CA LYS A 217 2.02 -4.88 -8.36
C LYS A 217 1.97 -4.78 -9.89
N THR A 218 1.75 -5.89 -10.58
CA THR A 218 1.63 -5.83 -12.01
C THR A 218 0.35 -5.08 -12.37
N VAL A 219 0.51 -4.05 -13.22
CA VAL A 219 -0.59 -3.18 -13.56
C VAL A 219 -1.49 -3.93 -14.54
N ARG A 220 -2.76 -4.10 -14.18
CA ARG A 220 -3.72 -4.77 -15.02
C ARG A 220 -4.83 -3.78 -15.35
N ARG A 221 -5.22 -3.75 -16.62
CA ARG A 221 -6.32 -2.94 -17.13
C ARG A 221 -7.29 -3.84 -17.91
N GLN A 222 -8.60 -3.69 -17.66
CA GLN A 222 -9.60 -4.46 -18.40
C GLN A 222 -10.93 -3.70 -18.42
N GLN A 223 -11.78 -4.06 -19.39
CA GLN A 223 -13.14 -3.57 -19.55
C GLN A 223 -14.02 -4.09 -18.41
N VAL A 224 -14.93 -3.27 -17.90
CA VAL A 224 -15.95 -3.74 -16.98
C VAL A 224 -17.01 -4.52 -17.79
N GLU A 225 -17.34 -5.74 -17.32
CA GLU A 225 -18.29 -6.62 -18.00
C GLU A 225 -19.42 -6.99 -17.04
N GLN A 226 -20.59 -7.33 -17.60
CA GLN A 226 -21.68 -7.82 -16.78
C GLN A 226 -21.18 -9.00 -15.95
N GLY A 227 -21.64 -9.02 -14.68
CA GLY A 227 -21.20 -9.97 -13.68
C GLY A 227 -20.35 -9.25 -12.65
N ILE A 228 -19.49 -10.01 -11.96
CA ILE A 228 -18.73 -9.55 -10.81
C ILE A 228 -17.27 -9.87 -11.07
N PHE A 229 -16.41 -8.85 -10.93
CA PHE A 229 -14.97 -9.05 -10.91
C PHE A 229 -14.46 -8.70 -9.52
N SER A 230 -13.53 -9.50 -8.99
CA SER A 230 -12.96 -9.12 -7.71
C SER A 230 -11.47 -9.47 -7.62
N ILE A 231 -10.77 -8.72 -6.78
CA ILE A 231 -9.49 -9.14 -6.24
C ILE A 231 -9.64 -9.24 -4.72
N SER A 232 -8.88 -10.15 -4.10
CA SER A 232 -9.06 -10.42 -2.70
C SER A 232 -7.85 -11.19 -2.18
N SER A 233 -7.65 -11.10 -0.87
CA SER A 233 -6.67 -11.92 -0.20
C SER A 233 -7.37 -12.68 0.90
N ASN A 234 -7.03 -13.96 1.00
CA ASN A 234 -7.46 -14.80 2.11
C ASN A 234 -6.22 -15.37 2.80
N ARG A 235 -5.09 -14.66 2.68
CA ARG A 235 -3.79 -15.13 3.15
C ARG A 235 -3.44 -14.54 4.53
N GLY A 236 -4.30 -13.65 5.03
CA GLY A 236 -4.08 -13.06 6.35
C GLY A 236 -3.10 -11.88 6.31
N ALA A 237 -2.54 -11.65 5.10
CA ALA A 237 -1.88 -10.43 4.66
C ALA A 237 -2.45 -10.03 3.30
N SER A 238 -2.37 -8.74 2.95
CA SER A 238 -2.84 -8.25 1.65
C SER A 238 -2.25 -9.06 0.49
N GLY A 239 -0.94 -9.36 0.53
CA GLY A 239 -0.38 -10.33 -0.39
C GLY A 239 0.41 -9.72 -1.55
N HIS A 240 1.27 -10.55 -2.17
CA HIS A 240 2.05 -10.18 -3.35
C HIS A 240 1.20 -10.00 -4.60
N ALA A 241 0.05 -10.69 -4.66
CA ALA A 241 -0.67 -10.94 -5.91
C ALA A 241 -1.83 -9.98 -6.08
N GLN A 242 -2.13 -9.21 -5.02
CA GLN A 242 -3.16 -8.19 -5.11
C GLN A 242 -2.88 -7.08 -4.09
N THR A 243 -3.14 -5.84 -4.52
CA THR A 243 -3.01 -4.63 -3.72
C THR A 243 -4.41 -4.13 -3.37
N PRO A 244 -4.68 -3.61 -2.15
CA PRO A 244 -6.01 -3.10 -1.80
C PRO A 244 -6.30 -1.79 -2.55
N ALA A 245 -6.62 -1.93 -3.84
CA ALA A 245 -6.82 -0.80 -4.71
C ALA A 245 -7.69 -1.21 -5.89
N LEU A 246 -8.53 -0.27 -6.34
CA LEU A 246 -9.28 -0.48 -7.56
C LEU A 246 -9.62 0.87 -8.18
N LEU A 247 -9.21 1.06 -9.45
CA LEU A 247 -9.42 2.31 -10.15
C LEU A 247 -10.54 2.10 -11.16
N LEU A 248 -11.65 2.83 -10.99
CA LEU A 248 -12.74 2.79 -11.95
C LEU A 248 -12.56 3.99 -12.86
N CYS A 249 -12.35 3.73 -14.16
CA CYS A 249 -11.87 4.74 -15.10
C CYS A 249 -12.91 4.92 -16.19
N GLU A 250 -12.99 6.15 -16.72
CA GLU A 250 -13.78 6.37 -17.92
C GLU A 250 -13.11 5.66 -19.10
N GLN A 251 -13.98 5.13 -19.98
CA GLN A 251 -13.54 4.47 -21.19
C GLN A 251 -12.48 5.33 -21.86
N GLY A 252 -11.36 4.69 -22.21
CA GLY A 252 -10.36 5.30 -23.05
C GLY A 252 -9.43 6.23 -22.27
N VAL A 253 -9.42 6.12 -20.94
CA VAL A 253 -8.53 6.91 -20.08
C VAL A 253 -7.09 6.77 -20.56
N THR A 254 -6.32 7.87 -20.50
CA THR A 254 -4.90 7.80 -20.82
C THR A 254 -4.05 8.25 -19.61
N GLU A 255 -2.72 8.24 -19.78
CA GLU A 255 -1.84 8.83 -18.79
C GLU A 255 -2.22 10.28 -18.51
N ASP A 256 -2.65 11.03 -19.55
CA ASP A 256 -2.82 12.48 -19.49
C ASP A 256 -4.28 12.91 -19.34
N ALA A 257 -5.25 12.08 -19.75
CA ALA A 257 -6.62 12.55 -19.79
C ALA A 257 -7.65 11.49 -19.37
N GLY A 258 -8.78 11.97 -18.86
CA GLY A 258 -9.88 11.10 -18.48
C GLY A 258 -10.10 11.05 -16.96
N ASN A 259 -11.32 10.67 -16.58
CA ASN A 259 -11.70 10.58 -15.19
C ASN A 259 -11.32 9.24 -14.58
N VAL A 260 -10.73 9.31 -13.37
CA VAL A 260 -10.38 8.12 -12.62
C VAL A 260 -10.85 8.26 -11.18
N PHE A 261 -11.51 7.21 -10.65
CA PHE A 261 -11.78 7.07 -9.22
C PHE A 261 -11.02 5.89 -8.64
N ALA A 262 -10.05 6.18 -7.76
CA ALA A 262 -9.32 5.15 -7.03
C ALA A 262 -9.95 4.94 -5.65
N ILE A 263 -10.39 3.70 -5.37
CA ILE A 263 -10.75 3.31 -4.01
C ILE A 263 -9.65 2.42 -3.44
N GLN A 264 -9.26 2.69 -2.19
CA GLN A 264 -8.10 2.07 -1.56
C GLN A 264 -8.43 1.76 -0.09
N LEU A 265 -7.72 0.81 0.52
CA LEU A 265 -7.99 0.41 1.90
C LEU A 265 -6.72 0.47 2.74
N MET A 266 -6.80 1.16 3.88
CA MET A 266 -5.70 1.23 4.82
C MET A 266 -5.80 0.00 5.73
N TYR A 267 -5.41 -1.15 5.20
CA TYR A 267 -5.54 -2.42 5.89
C TYR A 267 -4.58 -3.41 5.24
N SER A 268 -4.02 -4.31 6.06
CA SER A 268 -2.91 -5.16 5.65
C SER A 268 -3.27 -6.62 5.80
N GLY A 269 -4.51 -6.91 6.21
CA GLY A 269 -5.03 -8.26 6.34
C GLY A 269 -5.77 -8.73 5.09
N ASN A 270 -6.79 -9.56 5.30
CA ASN A 270 -7.66 -10.07 4.26
C ASN A 270 -8.60 -8.96 3.76
N PHE A 271 -8.55 -8.66 2.46
CA PHE A 271 -9.43 -7.63 1.92
C PHE A 271 -10.13 -8.20 0.68
N GLU A 272 -11.18 -7.50 0.24
CA GLU A 272 -11.75 -7.67 -1.09
C GLU A 272 -12.05 -6.31 -1.73
N ALA A 273 -11.72 -6.18 -3.02
CA ALA A 273 -12.24 -5.11 -3.84
C ALA A 273 -13.08 -5.75 -4.95
N PHE A 274 -14.28 -5.21 -5.26
CA PHE A 274 -15.10 -5.81 -6.32
C PHE A 274 -15.71 -4.75 -7.23
N VAL A 275 -16.06 -5.17 -8.46
CA VAL A 275 -16.87 -4.38 -9.37
C VAL A 275 -17.98 -5.26 -9.89
N GLN A 276 -19.22 -4.81 -9.69
CA GLN A 276 -20.38 -5.55 -10.13
C GLN A 276 -21.15 -4.72 -11.14
N LYS A 277 -21.37 -5.32 -12.32
CA LYS A 277 -22.23 -4.74 -13.32
C LYS A 277 -23.49 -5.59 -13.38
N ASN A 278 -24.61 -4.99 -13.00
CA ASN A 278 -25.86 -5.69 -12.75
C ASN A 278 -26.66 -5.72 -14.05
N GLN A 279 -27.92 -6.17 -13.94
CA GLN A 279 -28.82 -6.47 -15.05
C GLN A 279 -29.19 -5.23 -15.86
N LEU A 280 -29.07 -4.05 -15.24
CA LEU A 280 -29.46 -2.79 -15.84
C LEU A 280 -28.25 -2.04 -16.41
N ASN A 281 -27.04 -2.61 -16.27
CA ASN A 281 -25.78 -1.98 -16.69
C ASN A 281 -25.17 -1.07 -15.62
N GLU A 282 -25.83 -0.95 -14.46
CA GLU A 282 -25.30 -0.21 -13.32
C GLU A 282 -24.06 -0.91 -12.76
N VAL A 283 -23.22 -0.11 -12.06
CA VAL A 283 -21.93 -0.57 -11.59
C VAL A 283 -21.73 -0.22 -10.12
N ARG A 284 -21.46 -1.26 -9.33
CA ARG A 284 -21.17 -1.09 -7.91
C ARG A 284 -19.69 -1.38 -7.69
N VAL A 285 -19.01 -0.51 -6.92
CA VAL A 285 -17.66 -0.82 -6.48
C VAL A 285 -17.63 -0.80 -4.96
N ALA A 286 -16.79 -1.65 -4.36
CA ALA A 286 -16.61 -1.65 -2.92
C ALA A 286 -15.24 -2.18 -2.55
N ILE A 287 -14.76 -1.80 -1.34
CA ILE A 287 -13.50 -2.32 -0.81
C ILE A 287 -13.62 -2.46 0.71
N GLY A 288 -13.06 -3.54 1.26
CA GLY A 288 -13.11 -3.72 2.69
C GLY A 288 -12.45 -5.03 3.15
N ILE A 289 -12.68 -5.35 4.42
CA ILE A 289 -12.27 -6.63 4.99
C ILE A 289 -12.91 -7.72 4.17
N ASN A 290 -12.13 -8.74 3.82
CA ASN A 290 -12.69 -9.85 3.07
C ASN A 290 -13.75 -10.52 3.94
N PRO A 291 -14.97 -10.79 3.43
CA PRO A 291 -15.88 -11.74 4.08
C PRO A 291 -15.29 -13.12 4.41
N GLU A 292 -14.41 -13.64 3.53
CA GLU A 292 -13.74 -14.91 3.80
C GLU A 292 -12.84 -14.77 5.04
N ASN A 293 -12.93 -15.77 5.93
CA ASN A 293 -12.11 -15.85 7.13
C ASN A 293 -12.53 -14.78 8.13
N PHE A 294 -13.77 -14.28 8.04
CA PHE A 294 -14.23 -13.21 8.93
C PHE A 294 -15.67 -13.41 9.40
N SER A 295 -15.85 -13.31 10.72
CA SER A 295 -17.11 -13.12 11.41
C SER A 295 -16.80 -12.28 12.64
N TRP A 296 -17.76 -11.49 13.13
CA TRP A 296 -17.45 -10.70 14.30
C TRP A 296 -18.64 -10.68 15.26
N LYS A 297 -18.44 -11.37 16.39
CA LYS A 297 -19.34 -11.43 17.53
C LYS A 297 -19.34 -10.07 18.24
N LEU A 298 -20.54 -9.52 18.50
CA LEU A 298 -20.66 -8.39 19.40
C LEU A 298 -21.61 -8.75 20.55
N ALA A 299 -21.10 -8.72 21.77
CA ALA A 299 -21.99 -8.87 22.92
C ALA A 299 -22.75 -7.56 23.08
N PRO A 300 -23.85 -7.49 23.90
CA PRO A 300 -24.54 -6.23 24.14
C PRO A 300 -23.59 -5.07 24.44
N GLU A 301 -23.86 -3.89 23.86
N GLU A 301 -23.86 -3.94 23.78
CA GLU A 301 -23.12 -2.66 24.14
CA GLU A 301 -23.21 -2.64 23.97
C GLU A 301 -21.78 -2.61 23.38
C GLU A 301 -21.76 -2.65 23.47
N GLU A 302 -21.34 -3.75 22.82
CA GLU A 302 -20.08 -3.77 22.08
C GLU A 302 -20.26 -3.14 20.70
N TYR A 303 -19.14 -2.78 20.06
CA TYR A 303 -19.20 -2.16 18.75
C TYR A 303 -18.03 -2.66 17.90
N PHE A 304 -18.16 -2.44 16.58
CA PHE A 304 -17.13 -2.72 15.61
C PHE A 304 -16.91 -1.55 14.65
N GLU A 305 -15.64 -1.19 14.45
CA GLU A 305 -15.23 -0.19 13.48
C GLU A 305 -14.36 -0.83 12.41
N THR A 306 -14.66 -0.45 11.16
CA THR A 306 -13.99 -0.98 10.00
C THR A 306 -12.73 -0.19 9.73
N PRO A 307 -11.78 -0.75 8.94
CA PRO A 307 -10.62 0.02 8.46
C PRO A 307 -11.01 1.20 7.57
N VAL A 308 -10.08 2.14 7.40
CA VAL A 308 -10.37 3.33 6.61
C VAL A 308 -10.19 2.99 5.15
N ALA A 309 -11.20 3.39 4.36
CA ALA A 309 -11.12 3.37 2.91
C ALA A 309 -10.96 4.80 2.40
N LEU A 310 -10.34 4.93 1.22
CA LEU A 310 -10.12 6.23 0.61
C LEU A 310 -10.74 6.21 -0.79
N VAL A 311 -11.44 7.29 -1.17
CA VAL A 311 -11.80 7.49 -2.56
C VAL A 311 -11.13 8.74 -3.08
N THR A 312 -10.34 8.57 -4.17
CA THR A 312 -9.51 9.62 -4.72
C THR A 312 -9.91 9.83 -6.18
N HIS A 313 -9.86 11.09 -6.63
CA HIS A 313 -10.37 11.42 -7.95
C HIS A 313 -9.37 12.25 -8.74
N SER A 314 -9.22 11.93 -10.03
CA SER A 314 -8.58 12.86 -10.95
C SER A 314 -9.34 12.92 -12.28
N ASP A 315 -9.24 14.07 -12.96
CA ASP A 315 -9.71 14.14 -14.34
C ASP A 315 -8.51 14.31 -15.27
N GLN A 316 -7.31 14.06 -14.75
CA GLN A 316 -6.08 14.20 -15.53
C GLN A 316 -5.48 12.81 -15.79
N GLY A 317 -6.33 11.81 -15.96
CA GLY A 317 -5.86 10.51 -16.41
C GLY A 317 -5.06 9.76 -15.34
N LEU A 318 -4.26 8.78 -15.79
CA LEU A 318 -3.61 7.87 -14.87
C LEU A 318 -2.44 8.55 -14.16
N THR A 319 -1.76 9.48 -14.83
CA THR A 319 -0.76 10.28 -14.13
C THR A 319 -1.42 11.12 -13.03
N GLY A 320 -2.61 11.67 -13.34
CA GLY A 320 -3.32 12.52 -12.37
C GLY A 320 -3.74 11.74 -11.13
N ILE A 321 -4.18 10.48 -11.32
CA ILE A 321 -4.55 9.70 -10.14
C ILE A 321 -3.29 9.30 -9.38
N SER A 322 -2.18 9.04 -10.08
CA SER A 322 -0.93 8.74 -9.39
C SER A 322 -0.60 9.93 -8.48
N HIS A 323 -0.61 11.14 -9.06
CA HIS A 323 -0.24 12.32 -8.28
C HIS A 323 -1.19 12.50 -7.10
N GLU A 324 -2.50 12.33 -7.31
CA GLU A 324 -3.45 12.53 -6.22
C GLU A 324 -3.15 11.53 -5.10
N SER A 325 -2.86 10.29 -5.48
CA SER A 325 -2.72 9.25 -4.49
C SER A 325 -1.40 9.44 -3.75
N GLN A 326 -0.34 9.77 -4.51
CA GLN A 326 0.97 9.92 -3.88
C GLN A 326 0.94 11.07 -2.87
N ASN A 327 0.39 12.22 -3.29
CA ASN A 327 0.27 13.42 -2.47
C ASN A 327 -0.45 13.11 -1.17
N PHE A 328 -1.63 12.45 -1.28
CA PHE A 328 -2.41 12.12 -0.11
C PHE A 328 -1.60 11.21 0.82
N VAL A 329 -0.92 10.21 0.25
CA VAL A 329 -0.13 9.32 1.08
C VAL A 329 0.96 10.13 1.80
N LEU A 330 1.61 11.05 1.08
CA LEU A 330 2.73 11.76 1.64
C LEU A 330 2.27 12.68 2.77
N LYS A 331 1.09 13.30 2.61
CA LYS A 331 0.65 14.34 3.54
C LYS A 331 -0.18 13.76 4.68
N HIS A 332 -0.83 12.60 4.50
CA HIS A 332 -1.83 12.21 5.48
C HIS A 332 -1.70 10.77 5.94
N ILE A 333 -0.75 10.00 5.39
CA ILE A 333 -0.58 8.62 5.81
C ILE A 333 0.84 8.39 6.28
N MET A 334 1.81 8.59 5.39
CA MET A 334 3.20 8.34 5.74
C MET A 334 3.58 9.26 6.91
N LEU A 335 4.36 8.75 7.86
CA LEU A 335 4.79 9.49 9.05
C LEU A 335 5.48 10.80 8.66
N SER A 336 5.04 11.90 9.29
CA SER A 336 5.51 13.27 9.05
C SER A 336 7.03 13.38 9.19
N GLU A 337 7.58 12.59 10.10
CA GLU A 337 8.99 12.58 10.45
C GLU A 337 9.85 12.13 9.27
N PHE A 338 9.24 11.43 8.31
CA PHE A 338 10.04 10.82 7.24
C PHE A 338 9.54 11.19 5.83
N SER A 339 8.30 11.70 5.73
CA SER A 339 7.63 11.80 4.43
C SER A 339 8.33 12.77 3.50
N LYS A 340 9.11 13.71 4.07
CA LYS A 340 9.91 14.61 3.26
C LYS A 340 11.39 14.53 3.67
N LYS A 341 11.78 13.40 4.29
CA LYS A 341 13.17 13.25 4.67
C LYS A 341 13.89 12.32 3.70
N GLU A 342 15.02 12.80 3.15
CA GLU A 342 15.88 11.97 2.32
C GLU A 342 16.28 10.70 3.09
N ARG A 343 16.19 9.55 2.41
CA ARG A 343 16.40 8.26 3.05
C ARG A 343 17.86 7.82 2.85
N PRO A 344 18.48 7.17 3.86
CA PRO A 344 19.89 6.80 3.72
C PRO A 344 20.11 5.73 2.65
N ILE A 345 21.23 5.86 1.91
CA ILE A 345 21.66 4.83 0.97
C ILE A 345 22.28 3.71 1.79
N LEU A 346 21.76 2.50 1.65
CA LEU A 346 22.17 1.44 2.55
C LEU A 346 22.91 0.32 1.81
N ILE A 347 23.57 -0.51 2.59
CA ILE A 347 24.02 -1.83 2.18
C ILE A 347 23.30 -2.84 3.06
N ASN A 348 22.90 -3.95 2.44
CA ASN A 348 22.27 -5.08 3.09
C ASN A 348 23.04 -6.33 2.68
N ASN A 349 23.43 -7.16 3.66
CA ASN A 349 24.30 -8.31 3.46
C ASN A 349 23.57 -9.55 2.94
N TRP A 350 22.23 -9.50 2.82
CA TRP A 350 21.44 -10.71 2.58
C TRP A 350 21.86 -11.52 1.34
N GLU A 351 21.65 -10.96 0.12
CA GLU A 351 22.04 -11.61 -1.13
C GLU A 351 23.56 -11.70 -1.12
N ALA A 352 24.18 -10.90 -0.26
CA ALA A 352 25.62 -10.68 -0.22
C ALA A 352 26.32 -11.83 0.51
N THR A 353 25.65 -12.45 1.50
CA THR A 353 26.29 -13.53 2.27
C THR A 353 25.31 -14.61 2.74
N TYR A 354 24.00 -14.36 2.62
CA TYR A 354 23.00 -15.24 3.22
C TYR A 354 23.30 -15.43 4.70
N PHE A 355 23.21 -16.67 5.20
CA PHE A 355 23.34 -16.92 6.64
C PHE A 355 24.80 -17.01 7.05
N ASP A 356 25.69 -17.06 6.04
CA ASP A 356 27.09 -17.39 6.25
C ASP A 356 27.93 -16.12 6.35
N PHE A 357 28.01 -15.58 7.57
CA PHE A 357 28.79 -14.39 7.88
C PHE A 357 29.32 -14.51 9.31
N GLN A 358 30.33 -13.68 9.65
CA GLN A 358 30.78 -13.47 11.02
C GLN A 358 31.32 -12.04 11.14
N ARG A 359 31.97 -11.71 12.27
CA ARG A 359 32.32 -10.32 12.57
C ARG A 359 33.29 -9.74 11.55
N GLU A 360 34.40 -10.46 11.28
CA GLU A 360 35.43 -10.00 10.35
C GLU A 360 34.80 -9.56 9.02
N LYS A 361 34.00 -10.45 8.39
CA LYS A 361 33.35 -10.22 7.10
C LYS A 361 32.46 -8.97 7.14
N LEU A 362 31.67 -8.80 8.22
CA LEU A 362 30.74 -7.69 8.37
C LEU A 362 31.49 -6.35 8.33
N LEU A 363 32.52 -6.23 9.18
CA LEU A 363 33.31 -5.02 9.32
C LEU A 363 34.09 -4.73 8.04
N GLU A 364 34.43 -5.78 7.31
CA GLU A 364 35.12 -5.65 6.03
C GLU A 364 34.13 -5.07 5.00
N LEU A 365 32.91 -5.60 5.00
CA LEU A 365 31.86 -5.05 4.15
C LEU A 365 31.63 -3.59 4.54
N ALA A 366 31.45 -3.33 5.84
CA ALA A 366 31.26 -1.97 6.33
C ALA A 366 32.35 -1.01 5.84
N ASP A 367 33.62 -1.45 5.92
CA ASP A 367 34.76 -0.68 5.43
C ASP A 367 34.53 -0.28 3.97
N GLU A 368 34.22 -1.29 3.14
CA GLU A 368 34.03 -1.06 1.72
C GLU A 368 32.80 -0.17 1.50
N ALA A 369 31.73 -0.42 2.29
CA ALA A 369 30.55 0.41 2.13
C ALA A 369 30.90 1.88 2.38
N LYS A 370 31.77 2.14 3.37
CA LYS A 370 32.10 3.52 3.71
C LYS A 370 32.92 4.16 2.59
N LYS A 371 33.86 3.39 2.01
CA LYS A 371 34.70 3.85 0.92
C LYS A 371 33.85 4.37 -0.24
N VAL A 372 32.70 3.74 -0.51
CA VAL A 372 31.91 4.13 -1.66
C VAL A 372 30.82 5.12 -1.27
N GLY A 373 30.77 5.50 0.02
CA GLY A 373 29.93 6.61 0.45
C GLY A 373 28.53 6.18 0.87
N ILE A 374 28.35 4.86 1.09
CA ILE A 374 27.12 4.30 1.61
C ILE A 374 26.95 4.83 3.05
N GLU A 375 25.71 5.04 3.49
CA GLU A 375 25.43 5.84 4.68
C GLU A 375 24.98 4.96 5.83
N LEU A 376 24.43 3.79 5.51
CA LEU A 376 23.75 2.93 6.47
C LEU A 376 24.05 1.47 6.18
N PHE A 377 24.30 0.72 7.27
CA PHE A 377 24.65 -0.70 7.19
C PHE A 377 23.55 -1.53 7.85
N VAL A 378 22.95 -2.43 7.07
CA VAL A 378 21.86 -3.27 7.53
C VAL A 378 22.34 -4.70 7.67
N LEU A 379 22.30 -5.17 8.92
CA LEU A 379 22.53 -6.55 9.28
C LEU A 379 21.23 -7.32 9.14
N ASP A 380 21.20 -8.29 8.22
CA ASP A 380 19.98 -9.00 7.84
C ASP A 380 19.87 -10.29 8.67
N ASP A 381 19.01 -11.22 8.20
CA ASP A 381 18.69 -12.50 8.83
C ASP A 381 19.96 -13.22 9.27
N GLY A 382 19.88 -13.95 10.40
CA GLY A 382 20.95 -14.86 10.80
C GLY A 382 21.75 -14.44 12.05
N TRP A 383 21.40 -13.33 12.70
CA TRP A 383 22.16 -12.82 13.84
C TRP A 383 21.61 -13.31 15.19
N PHE A 384 20.47 -14.01 15.15
CA PHE A 384 19.71 -14.31 16.36
C PHE A 384 19.66 -15.81 16.62
N GLY A 385 19.50 -16.16 17.90
CA GLY A 385 19.46 -17.52 18.40
C GLY A 385 20.43 -18.43 17.66
N ASN A 386 19.84 -19.42 16.99
CA ASN A 386 20.50 -20.55 16.39
C ASN A 386 20.32 -20.47 14.87
N ARG A 387 20.19 -19.25 14.33
CA ARG A 387 19.70 -19.07 12.97
C ARG A 387 20.83 -19.23 11.95
N PHE A 388 21.26 -20.48 11.71
CA PHE A 388 22.29 -20.73 10.72
C PHE A 388 21.70 -21.02 9.35
N ASP A 389 20.39 -21.28 9.30
CA ASP A 389 19.67 -21.44 8.05
C ASP A 389 18.23 -20.96 8.27
N ASP A 390 17.33 -21.38 7.39
CA ASP A 390 15.97 -20.88 7.46
C ASP A 390 15.05 -21.99 7.96
N ASN A 391 15.58 -22.86 8.84
CA ASN A 391 14.83 -24.01 9.31
C ASN A 391 14.59 -23.97 10.82
N ARG A 392 15.02 -22.89 11.49
CA ARG A 392 14.92 -22.83 12.94
C ARG A 392 15.04 -21.40 13.46
N ALA A 393 14.86 -21.24 14.78
CA ALA A 393 15.31 -20.09 15.58
C ALA A 393 14.35 -18.90 15.56
N LEU A 394 13.35 -18.86 14.65
CA LEU A 394 12.40 -17.75 14.64
C LEU A 394 11.61 -17.75 15.94
N GLY A 395 11.54 -16.57 16.59
CA GLY A 395 10.94 -16.51 17.90
C GLY A 395 11.96 -16.29 19.02
N ASP A 396 13.23 -16.65 18.77
CA ASP A 396 14.33 -16.47 19.72
C ASP A 396 15.15 -15.24 19.34
N TRP A 397 14.70 -14.05 19.76
CA TRP A 397 15.33 -12.78 19.39
C TRP A 397 16.47 -12.46 20.34
N VAL A 398 17.35 -13.45 20.53
CA VAL A 398 18.47 -13.37 21.45
C VAL A 398 19.74 -13.32 20.61
N VAL A 399 20.58 -12.30 20.86
CA VAL A 399 21.76 -12.06 20.04
C VAL A 399 22.72 -13.25 20.11
N ASN A 400 23.16 -13.73 18.93
CA ASN A 400 24.16 -14.78 18.82
C ASN A 400 25.55 -14.14 18.88
N GLU A 401 26.09 -14.02 20.10
CA GLU A 401 27.33 -13.28 20.30
C GLU A 401 28.52 -14.04 19.72
N GLU A 402 28.44 -15.38 19.71
CA GLU A 402 29.50 -16.16 19.10
C GLU A 402 29.64 -15.70 17.65
N LYS A 403 28.51 -15.64 16.93
CA LYS A 403 28.53 -15.36 15.50
C LYS A 403 28.90 -13.91 15.23
N LEU A 404 28.42 -12.99 16.06
CA LEU A 404 28.72 -11.57 15.86
C LEU A 404 30.07 -11.19 16.49
N GLY A 405 30.80 -12.19 17.03
CA GLY A 405 32.11 -11.99 17.64
C GLY A 405 32.05 -11.04 18.85
N GLY A 406 30.96 -11.13 19.63
CA GLY A 406 30.75 -10.27 20.78
C GLY A 406 29.33 -9.72 20.82
N SER A 407 29.07 -8.78 21.73
CA SER A 407 27.75 -8.19 21.91
C SER A 407 27.30 -7.45 20.65
N LEU A 408 25.98 -7.36 20.47
CA LEU A 408 25.46 -6.55 19.39
C LEU A 408 25.86 -5.11 19.63
N GLU A 409 25.96 -4.71 20.91
CA GLU A 409 26.38 -3.37 21.28
C GLU A 409 27.74 -3.07 20.66
N SER A 410 28.68 -4.01 20.76
CA SER A 410 30.03 -3.75 20.28
C SER A 410 30.09 -3.74 18.75
N LEU A 411 29.18 -4.48 18.09
CA LEU A 411 29.14 -4.47 16.64
C LEU A 411 28.66 -3.11 16.16
N ILE A 412 27.58 -2.61 16.77
CA ILE A 412 26.99 -1.32 16.44
C ILE A 412 28.04 -0.21 16.59
N SER A 413 28.80 -0.20 17.69
CA SER A 413 29.79 0.84 17.91
C SER A 413 30.85 0.78 16.82
N ALA A 414 31.26 -0.46 16.50
CA ALA A 414 32.20 -0.69 15.42
C ALA A 414 31.71 -0.01 14.13
N ILE A 415 30.41 -0.14 13.84
CA ILE A 415 29.80 0.37 12.63
C ILE A 415 29.67 1.90 12.71
N HIS A 416 29.21 2.41 13.86
CA HIS A 416 29.05 3.84 14.08
C HIS A 416 30.38 4.56 13.86
N GLU A 417 31.46 3.92 14.35
CA GLU A 417 32.80 4.46 14.34
C GLU A 417 33.35 4.51 12.92
N ARG A 418 32.91 3.60 12.04
CA ARG A 418 33.35 3.62 10.66
C ARG A 418 32.49 4.59 9.84
N GLY A 419 31.64 5.37 10.51
CA GLY A 419 30.86 6.41 9.85
C GLY A 419 29.47 5.96 9.35
N LEU A 420 29.00 4.73 9.67
CA LEU A 420 27.76 4.24 9.10
C LEU A 420 26.65 4.16 10.15
N GLN A 421 25.44 4.53 9.76
CA GLN A 421 24.27 4.21 10.57
C GLN A 421 24.11 2.70 10.64
N PHE A 422 23.37 2.20 11.64
CA PHE A 422 23.21 0.76 11.85
C PHE A 422 21.74 0.32 11.75
N GLY A 423 21.52 -0.77 11.00
CA GLY A 423 20.18 -1.29 10.74
C GLY A 423 20.08 -2.78 11.03
N LEU A 424 18.87 -3.28 11.31
CA LEU A 424 18.74 -4.66 11.74
C LEU A 424 17.43 -5.26 11.22
N TRP A 425 17.50 -6.53 10.81
CA TRP A 425 16.38 -7.29 10.27
C TRP A 425 15.68 -8.00 11.41
N LEU A 426 14.33 -7.97 11.42
CA LEU A 426 13.52 -8.76 12.33
C LEU A 426 12.44 -9.49 11.55
N GLU A 427 11.89 -10.54 12.18
CA GLU A 427 10.69 -11.19 11.68
C GLU A 427 9.79 -11.56 12.87
N PRO A 428 9.23 -10.56 13.59
CA PRO A 428 8.56 -10.81 14.86
C PRO A 428 7.35 -11.73 14.88
N GLU A 429 6.70 -11.91 13.73
CA GLU A 429 5.37 -12.49 13.71
C GLU A 429 5.49 -14.01 13.55
N MET A 430 6.72 -14.53 13.59
CA MET A 430 6.95 -15.90 13.18
C MET A 430 7.64 -16.71 14.27
N ILE A 431 7.42 -18.04 14.23
CA ILE A 431 7.98 -18.94 15.22
C ILE A 431 8.36 -20.26 14.52
N SER A 432 9.63 -20.69 14.68
CA SER A 432 10.06 -22.00 14.19
C SER A 432 9.68 -23.07 15.20
N VAL A 433 9.33 -24.27 14.69
CA VAL A 433 9.14 -25.45 15.51
C VAL A 433 10.40 -25.66 16.35
N ASP A 434 11.56 -25.55 15.67
CA ASP A 434 12.85 -25.72 16.34
C ASP A 434 13.33 -24.37 16.89
N SER A 435 12.80 -23.99 18.05
CA SER A 435 13.10 -22.73 18.70
C SER A 435 12.77 -22.90 20.17
N ASP A 436 13.41 -22.12 21.04
CA ASP A 436 13.16 -22.20 22.46
C ASP A 436 11.77 -21.68 22.70
N LEU A 437 11.37 -20.69 21.88
CA LEU A 437 10.03 -20.15 22.00
C LEU A 437 9.00 -21.26 21.79
N TYR A 438 9.13 -22.01 20.69
CA TYR A 438 8.12 -23.03 20.41
C TYR A 438 8.17 -24.11 21.51
N ARG A 439 9.35 -24.32 22.09
CA ARG A 439 9.50 -25.31 23.16
C ARG A 439 8.78 -24.87 24.44
N GLN A 440 8.85 -23.59 24.80
CA GLN A 440 8.15 -23.07 25.97
C GLN A 440 6.65 -22.89 25.69
N HIS A 441 6.25 -22.52 24.46
CA HIS A 441 4.86 -22.14 24.20
C HIS A 441 4.42 -22.64 22.84
N PRO A 442 4.22 -23.97 22.63
CA PRO A 442 3.70 -24.46 21.34
C PRO A 442 2.32 -23.94 20.93
N ASP A 443 1.52 -23.44 21.89
CA ASP A 443 0.14 -23.01 21.69
C ASP A 443 0.07 -21.58 21.16
N TRP A 444 1.24 -20.94 21.01
CA TRP A 444 1.27 -19.57 20.54
C TRP A 444 1.21 -19.51 19.03
N ALA A 445 1.53 -20.63 18.36
CA ALA A 445 1.42 -20.76 16.92
C ALA A 445 -0.05 -20.84 16.48
N ILE A 446 -0.34 -20.26 15.31
CA ILE A 446 -1.64 -20.44 14.67
C ILE A 446 -1.74 -21.90 14.23
N GLN A 447 -2.78 -22.56 14.75
CA GLN A 447 -2.93 -24.00 14.57
C GLN A 447 -4.37 -24.40 14.86
N VAL A 448 -4.68 -25.66 14.51
CA VAL A 448 -5.98 -26.24 14.80
C VAL A 448 -5.72 -27.45 15.67
N PRO A 449 -6.44 -27.64 16.82
CA PRO A 449 -6.24 -28.83 17.64
C PRO A 449 -6.48 -30.07 16.77
N GLY A 450 -5.55 -31.04 16.85
CA GLY A 450 -5.73 -32.34 16.23
C GLY A 450 -5.36 -32.35 14.75
N TYR A 451 -4.85 -31.21 14.23
CA TYR A 451 -4.28 -31.22 12.89
C TYR A 451 -2.78 -30.92 12.95
N GLU A 452 -2.02 -31.60 12.09
CA GLU A 452 -0.63 -31.28 11.84
C GLU A 452 -0.53 -29.84 11.31
N HIS A 453 0.63 -29.23 11.58
CA HIS A 453 0.93 -27.90 11.06
C HIS A 453 0.96 -27.94 9.54
N THR A 454 0.56 -26.82 8.92
CA THR A 454 0.99 -26.53 7.57
C THR A 454 2.22 -25.64 7.64
N TYR A 455 3.31 -26.10 7.03
CA TYR A 455 4.57 -25.37 7.07
C TYR A 455 4.70 -24.52 5.79
N SER A 456 5.51 -23.46 5.92
CA SER A 456 5.85 -22.58 4.82
C SER A 456 7.23 -22.00 5.12
N ARG A 457 8.21 -22.17 4.23
CA ARG A 457 9.60 -21.89 4.57
C ARG A 457 9.95 -22.50 5.93
N ASN A 458 9.39 -23.70 6.19
CA ASN A 458 9.64 -24.48 7.40
C ASN A 458 9.46 -23.64 8.67
N GLN A 459 8.44 -22.77 8.71
CA GLN A 459 8.17 -21.97 9.89
C GLN A 459 6.66 -21.83 10.10
N LEU A 460 6.29 -21.35 11.29
CA LEU A 460 4.90 -21.17 11.68
C LEU A 460 4.63 -19.69 11.95
N VAL A 461 3.34 -19.34 12.05
CA VAL A 461 2.91 -17.97 12.32
C VAL A 461 2.47 -17.88 13.78
N LEU A 462 3.00 -16.90 14.51
CA LEU A 462 2.56 -16.63 15.87
C LEU A 462 1.15 -16.06 15.81
N ASN A 463 0.31 -16.44 16.79
CA ASN A 463 -1.05 -15.94 16.88
C ASN A 463 -1.04 -14.58 17.57
N LEU A 464 -0.93 -13.52 16.76
CA LEU A 464 -1.00 -12.17 17.30
C LEU A 464 -2.41 -11.79 17.75
N ALA A 465 -3.41 -12.67 17.60
CA ALA A 465 -4.70 -12.47 18.26
C ALA A 465 -4.61 -12.78 19.77
N ASN A 466 -3.58 -13.52 20.17
CA ASN A 466 -3.37 -13.89 21.56
C ASN A 466 -2.67 -12.72 22.26
N PRO A 467 -3.32 -12.04 23.24
CA PRO A 467 -2.74 -10.83 23.83
C PRO A 467 -1.39 -11.11 24.53
N GLN A 468 -1.16 -12.37 24.93
CA GLN A 468 0.12 -12.70 25.58
C GLN A 468 1.24 -12.70 24.55
N VAL A 469 0.89 -12.97 23.27
CA VAL A 469 1.89 -12.96 22.20
C VAL A 469 2.30 -11.51 21.90
N VAL A 470 1.34 -10.59 21.95
CA VAL A 470 1.61 -9.19 21.62
C VAL A 470 2.47 -8.57 22.72
N GLU A 471 2.07 -8.84 23.97
CA GLU A 471 2.78 -8.37 25.16
C GLU A 471 4.22 -8.88 25.11
N TYR A 472 4.41 -10.14 24.72
CA TYR A 472 5.77 -10.68 24.68
C TYR A 472 6.59 -9.97 23.61
N LEU A 473 5.97 -9.70 22.45
CA LEU A 473 6.75 -9.13 21.36
C LEU A 473 7.08 -7.67 21.68
N LYS A 474 6.12 -6.92 22.26
CA LYS A 474 6.41 -5.57 22.70
C LYS A 474 7.66 -5.56 23.59
N SER A 475 7.69 -6.48 24.57
CA SER A 475 8.68 -6.48 25.62
C SER A 475 10.06 -6.78 25.03
N VAL A 476 10.13 -7.84 24.21
CA VAL A 476 11.37 -8.32 23.64
C VAL A 476 11.96 -7.26 22.73
N LEU A 477 11.09 -6.54 22.00
CA LEU A 477 11.54 -5.61 20.98
C LEU A 477 11.84 -4.24 21.59
N ASP A 478 11.04 -3.82 22.58
CA ASP A 478 11.35 -2.64 23.35
C ASP A 478 12.74 -2.80 23.98
N GLN A 479 13.04 -4.00 24.48
CA GLN A 479 14.33 -4.29 25.09
C GLN A 479 15.42 -4.11 24.04
N LEU A 480 15.22 -4.76 22.89
CA LEU A 480 16.18 -4.68 21.79
C LEU A 480 16.47 -3.22 21.43
N LEU A 481 15.42 -2.40 21.29
CA LEU A 481 15.61 -1.07 20.73
C LEU A 481 16.15 -0.11 21.80
N PHE A 482 15.78 -0.31 23.07
CA PHE A 482 16.26 0.58 24.13
C PHE A 482 17.72 0.32 24.48
N TYR A 483 18.16 -0.95 24.42
CA TYR A 483 19.51 -1.30 24.82
C TYR A 483 20.53 -1.21 23.68
N HIS A 484 20.10 -0.84 22.46
CA HIS A 484 21.01 -0.77 21.32
C HIS A 484 20.77 0.47 20.46
N ASP A 485 21.87 1.03 19.94
CA ASP A 485 21.84 2.28 19.21
C ASP A 485 21.46 2.02 17.74
N ILE A 486 20.25 1.51 17.51
CA ILE A 486 19.81 1.07 16.18
C ILE A 486 19.12 2.21 15.45
N ASP A 487 19.55 2.48 14.20
CA ASP A 487 19.03 3.60 13.43
C ASP A 487 17.95 3.18 12.44
N TYR A 488 17.78 1.86 12.23
CA TYR A 488 16.92 1.40 11.15
C TYR A 488 16.48 -0.03 11.44
N ILE A 489 15.22 -0.34 11.13
CA ILE A 489 14.68 -1.68 11.30
C ILE A 489 14.08 -2.13 9.97
N LYS A 490 14.39 -3.38 9.58
CA LYS A 490 13.70 -4.03 8.48
C LYS A 490 12.79 -5.07 9.09
N TRP A 491 11.48 -4.91 8.87
CA TRP A 491 10.49 -5.75 9.53
C TRP A 491 9.88 -6.72 8.52
N ASP A 492 10.35 -7.96 8.54
CA ASP A 492 10.04 -8.92 7.49
C ASP A 492 8.89 -9.82 7.96
N MET A 493 8.42 -10.70 7.05
CA MET A 493 7.26 -11.56 7.28
C MET A 493 7.17 -12.53 6.10
N ASN A 494 7.55 -13.80 6.32
CA ASN A 494 7.92 -14.65 5.19
C ASN A 494 6.97 -15.83 4.94
N ARG A 495 5.71 -15.77 5.41
CA ARG A 495 4.72 -16.78 5.03
C ARG A 495 3.29 -16.29 5.27
N ASN A 496 2.30 -17.02 4.74
CA ASN A 496 0.91 -16.64 4.91
C ASN A 496 0.26 -17.54 5.98
N ILE A 497 -0.94 -17.14 6.42
CA ILE A 497 -1.58 -17.78 7.56
C ILE A 497 -2.41 -18.99 7.09
N THR A 498 -2.16 -20.15 7.70
CA THR A 498 -2.92 -21.38 7.50
C THR A 498 -3.40 -21.90 8.85
N LYS A 499 -4.26 -22.93 8.82
CA LYS A 499 -4.71 -23.68 9.99
C LYS A 499 -5.33 -22.80 11.08
N LEU A 500 -6.38 -22.03 10.73
CA LEU A 500 -7.11 -21.22 11.72
C LEU A 500 -7.95 -22.09 12.67
N GLY A 501 -7.56 -22.14 13.95
CA GLY A 501 -8.36 -22.87 14.94
C GLY A 501 -7.96 -22.64 16.40
N ASN A 502 -7.50 -21.41 16.72
CA ASN A 502 -7.00 -21.09 18.04
C ASN A 502 -8.12 -20.57 18.95
N GLY A 503 -9.30 -20.34 18.39
CA GLY A 503 -10.40 -19.83 19.20
C GLY A 503 -10.94 -20.90 20.15
N LEU A 504 -11.60 -20.44 21.22
CA LEU A 504 -12.29 -21.31 22.15
C LEU A 504 -13.63 -21.70 21.55
N THR A 505 -14.12 -20.87 20.62
CA THR A 505 -15.28 -21.21 19.82
C THR A 505 -14.94 -20.96 18.35
N TYR A 506 -15.77 -21.52 17.46
CA TYR A 506 -15.72 -21.24 16.03
C TYR A 506 -15.74 -19.73 15.77
N LEU A 507 -16.66 -19.00 16.43
CA LEU A 507 -16.74 -17.56 16.23
C LEU A 507 -15.42 -16.87 16.58
N GLU A 508 -14.72 -17.35 17.60
CA GLU A 508 -13.46 -16.71 18.02
C GLU A 508 -12.36 -16.96 17.00
N THR A 509 -12.39 -18.12 16.35
CA THR A 509 -11.49 -18.45 15.26
C THR A 509 -11.77 -17.54 14.07
N GLN A 510 -13.05 -17.21 13.85
CA GLN A 510 -13.43 -16.44 12.68
C GLN A 510 -13.02 -14.99 12.86
N MET A 511 -12.78 -14.58 14.10
CA MET A 511 -12.34 -13.25 14.48
C MET A 511 -10.80 -13.19 14.49
N GLN A 512 -10.14 -14.37 14.51
CA GLN A 512 -8.71 -14.52 14.77
C GLN A 512 -7.89 -13.73 13.75
N SER A 513 -8.34 -13.71 12.49
CA SER A 513 -7.53 -13.11 11.44
C SER A 513 -7.54 -11.59 11.55
N HIS A 514 -8.70 -11.00 11.85
CA HIS A 514 -8.73 -9.55 12.04
C HIS A 514 -8.06 -9.16 13.36
N GLN A 515 -8.24 -9.99 14.40
CA GLN A 515 -7.61 -9.76 15.69
C GLN A 515 -6.08 -9.86 15.57
N TYR A 516 -5.59 -10.74 14.69
CA TYR A 516 -4.18 -10.78 14.38
C TYR A 516 -3.73 -9.40 13.91
N MET A 517 -4.50 -8.81 12.99
CA MET A 517 -4.15 -7.52 12.41
C MET A 517 -4.13 -6.43 13.47
N LEU A 518 -5.16 -6.39 14.33
CA LEU A 518 -5.25 -5.41 15.41
C LEU A 518 -4.04 -5.52 16.34
N GLY A 519 -3.63 -6.76 16.61
CA GLY A 519 -2.41 -7.07 17.36
C GLY A 519 -1.14 -6.55 16.68
N LEU A 520 -1.00 -6.81 15.38
CA LEU A 520 0.12 -6.24 14.64
C LEU A 520 0.14 -4.71 14.77
N TYR A 521 -1.01 -4.08 14.52
CA TYR A 521 -1.07 -2.62 14.50
C TYR A 521 -0.81 -2.02 15.89
N GLU A 522 -1.29 -2.69 16.94
CA GLU A 522 -0.99 -2.28 18.31
C GLU A 522 0.51 -2.38 18.55
N LEU A 523 1.11 -3.46 18.07
CA LEU A 523 2.53 -3.69 18.26
C LEU A 523 3.34 -2.64 17.50
N VAL A 524 3.02 -2.42 16.23
CA VAL A 524 3.92 -1.60 15.42
C VAL A 524 3.65 -0.12 15.67
N SER A 525 2.41 0.24 16.02
CA SER A 525 2.16 1.64 16.34
C SER A 525 2.86 1.99 17.66
N TYR A 526 2.79 1.06 18.63
CA TYR A 526 3.54 1.21 19.86
C TYR A 526 5.04 1.42 19.61
N LEU A 527 5.66 0.56 18.79
CA LEU A 527 7.12 0.58 18.64
C LEU A 527 7.61 1.76 17.82
N THR A 528 6.91 2.09 16.73
CA THR A 528 7.29 3.21 15.87
C THR A 528 7.07 4.54 16.59
N GLU A 529 6.11 4.58 17.52
CA GLU A 529 5.84 5.75 18.36
C GLU A 529 6.91 5.86 19.45
N LYS A 530 7.21 4.76 20.16
CA LYS A 530 8.17 4.81 21.26
C LYS A 530 9.60 4.97 20.74
N HIS A 531 9.81 4.95 19.42
CA HIS A 531 11.15 4.98 18.84
C HIS A 531 11.12 5.69 17.49
N SER A 532 10.59 6.92 17.50
CA SER A 532 10.18 7.54 16.26
C SER A 532 11.39 7.95 15.43
N HIS A 533 12.59 7.94 16.04
CA HIS A 533 13.82 8.37 15.38
C HIS A 533 14.34 7.27 14.44
N ILE A 534 13.94 6.02 14.69
CA ILE A 534 14.37 4.91 13.85
C ILE A 534 13.51 4.88 12.58
N LEU A 535 14.18 4.70 11.43
CA LEU A 535 13.52 4.40 10.16
C LEU A 535 13.13 2.91 10.09
N PHE A 536 11.83 2.63 10.10
CA PHE A 536 11.28 1.29 9.93
C PHE A 536 10.93 1.03 8.45
N GLU A 537 11.53 -0.03 7.88
CA GLU A 537 11.19 -0.45 6.53
C GLU A 537 10.39 -1.76 6.58
N SER A 538 9.18 -1.76 5.99
CA SER A 538 8.36 -2.95 6.03
C SER A 538 8.78 -3.91 4.92
N CYS A 539 8.43 -5.19 5.10
CA CYS A 539 8.86 -6.22 4.18
C CYS A 539 8.00 -7.46 4.39
N SER A 540 7.82 -8.25 3.32
CA SER A 540 7.15 -9.53 3.41
C SER A 540 7.57 -10.35 2.19
N GLY A 541 8.73 -11.00 2.28
CA GLY A 541 9.33 -11.58 1.08
C GLY A 541 9.32 -10.56 -0.07
N GLY A 542 9.84 -9.36 0.22
CA GLY A 542 9.65 -8.21 -0.63
C GLY A 542 8.26 -7.60 -0.43
N GLY A 543 7.47 -7.57 -1.52
CA GLY A 543 6.26 -6.75 -1.61
C GLY A 543 4.99 -7.52 -1.24
N GLY A 544 5.13 -8.50 -0.34
CA GLY A 544 4.01 -9.35 0.07
C GLY A 544 2.95 -8.66 0.94
N ARG A 545 3.20 -7.42 1.39
CA ARG A 545 2.25 -6.72 2.25
C ARG A 545 2.46 -5.22 2.09
N ASN A 546 2.59 -4.80 0.82
CA ASN A 546 2.87 -3.41 0.53
C ASN A 546 1.54 -2.69 0.34
N ASP A 547 0.97 -2.16 1.43
CA ASP A 547 -0.34 -1.52 1.37
C ASP A 547 -0.31 -0.29 2.25
N LEU A 548 -1.42 0.47 2.28
CA LEU A 548 -1.50 1.73 3.00
C LEU A 548 -1.72 1.52 4.50
N GLY A 549 -2.11 0.29 4.91
CA GLY A 549 -2.08 -0.06 6.32
C GLY A 549 -0.67 0.03 6.87
N MET A 550 0.28 -0.64 6.20
CA MET A 550 1.64 -0.72 6.71
C MET A 550 2.34 0.63 6.58
N MET A 551 1.99 1.38 5.52
CA MET A 551 2.67 2.62 5.17
C MET A 551 2.27 3.77 6.11
N ARG A 552 1.27 3.54 6.96
CA ARG A 552 1.00 4.45 8.07
C ARG A 552 2.12 4.41 9.12
N TYR A 553 2.87 3.29 9.19
CA TYR A 553 3.84 3.11 10.26
C TYR A 553 5.26 2.97 9.75
N PHE A 554 5.38 2.50 8.50
CA PHE A 554 6.67 2.16 7.89
C PHE A 554 6.84 3.02 6.65
N PRO A 555 7.64 4.09 6.73
CA PRO A 555 7.75 5.07 5.65
C PRO A 555 8.45 4.59 4.37
N GLN A 556 8.77 3.30 4.32
CA GLN A 556 9.56 2.70 3.27
C GLN A 556 9.23 1.21 3.27
N VAL A 557 9.33 0.56 2.10
CA VAL A 557 9.02 -0.85 1.96
C VAL A 557 10.01 -1.50 0.98
N TRP A 558 10.36 -2.77 1.25
CA TRP A 558 11.17 -3.54 0.31
C TRP A 558 10.25 -4.05 -0.82
N ALA A 559 10.30 -3.38 -1.96
CA ALA A 559 9.25 -3.48 -2.96
C ALA A 559 9.18 -4.87 -3.60
N SER A 560 10.33 -5.58 -3.63
CA SER A 560 10.39 -6.90 -4.24
C SER A 560 11.74 -7.57 -3.95
N ASP A 561 11.72 -8.90 -3.71
CA ASP A 561 12.94 -9.71 -3.60
C ASP A 561 13.62 -9.82 -4.97
N ASN A 562 12.89 -9.49 -6.06
CA ASN A 562 13.47 -9.53 -7.39
C ASN A 562 14.26 -8.25 -7.58
N THR A 563 15.59 -8.34 -7.56
CA THR A 563 16.43 -7.16 -7.67
C THR A 563 17.07 -7.12 -9.05
N ASP A 564 16.51 -7.90 -10.00
CA ASP A 564 16.94 -7.81 -11.39
C ASP A 564 16.58 -6.44 -11.96
N ALA A 565 17.53 -5.79 -12.63
CA ALA A 565 17.30 -4.45 -13.14
C ALA A 565 16.13 -4.43 -14.15
N ILE A 566 15.96 -5.50 -14.93
CA ILE A 566 14.96 -5.54 -15.99
C ILE A 566 13.63 -6.00 -15.39
N ALA A 567 13.67 -7.10 -14.62
CA ALA A 567 12.48 -7.58 -13.93
C ALA A 567 11.90 -6.48 -13.02
N ARG A 568 12.75 -5.54 -12.54
CA ARG A 568 12.32 -4.48 -11.64
C ARG A 568 11.42 -3.45 -12.35
N LEU A 569 11.58 -3.27 -13.66
CA LEU A 569 10.90 -2.21 -14.38
C LEU A 569 9.39 -2.29 -14.17
N PRO A 570 8.70 -3.42 -14.52
CA PRO A 570 7.26 -3.52 -14.27
C PRO A 570 6.89 -3.48 -12.79
N ILE A 571 7.86 -3.83 -11.94
CA ILE A 571 7.58 -3.90 -10.52
C ILE A 571 7.55 -2.49 -9.93
N GLN A 572 8.46 -1.62 -10.40
CA GLN A 572 8.56 -0.25 -9.90
C GLN A 572 7.41 0.57 -10.50
N TYR A 573 7.01 0.22 -11.73
CA TYR A 573 5.87 0.81 -12.39
C TYR A 573 4.66 0.66 -11.45
N GLY A 574 4.42 -0.58 -11.03
CA GLY A 574 3.30 -0.85 -10.12
C GLY A 574 3.50 -0.27 -8.71
N SER A 575 4.73 -0.35 -8.20
CA SER A 575 4.97 -0.13 -6.78
C SER A 575 4.89 1.36 -6.47
N SER A 576 5.08 2.18 -7.50
CA SER A 576 4.96 3.62 -7.32
C SER A 576 3.70 4.15 -7.98
N TYR A 577 2.75 3.27 -8.34
CA TYR A 577 1.59 3.70 -9.12
C TYR A 577 0.68 4.58 -8.28
N LEU A 578 0.48 4.16 -7.03
CA LEU A 578 -0.40 4.89 -6.14
C LEU A 578 0.38 5.39 -4.92
N TYR A 579 1.61 4.86 -4.75
CA TYR A 579 2.45 5.13 -3.59
C TYR A 579 3.66 5.97 -4.00
N PRO A 580 4.15 6.90 -3.15
CA PRO A 580 5.29 7.74 -3.51
C PRO A 580 6.58 6.93 -3.70
N THR A 581 7.43 7.40 -4.62
CA THR A 581 8.71 6.81 -4.93
C THR A 581 9.60 6.67 -3.70
N ILE A 582 9.44 7.62 -2.75
CA ILE A 582 10.29 7.64 -1.55
C ILE A 582 10.11 6.34 -0.77
N SER A 583 8.95 5.70 -0.92
CA SER A 583 8.64 4.48 -0.18
C SER A 583 9.35 3.26 -0.76
N MET A 584 9.89 3.37 -1.98
CA MET A 584 10.06 2.18 -2.81
C MET A 584 11.50 1.69 -2.79
N GLY A 585 11.81 0.78 -1.85
CA GLY A 585 13.16 0.26 -1.72
C GLY A 585 13.61 -0.41 -3.01
N ALA A 586 14.85 -0.10 -3.44
CA ALA A 586 15.43 -0.65 -4.66
C ALA A 586 16.95 -0.75 -4.51
N HIS A 587 17.50 -1.92 -4.83
CA HIS A 587 18.89 -2.23 -4.50
C HIS A 587 19.63 -2.75 -5.72
N VAL A 588 20.83 -2.25 -5.94
CA VAL A 588 21.76 -2.75 -6.92
C VAL A 588 22.29 -4.07 -6.37
N SER A 589 22.17 -5.15 -7.16
CA SER A 589 22.58 -6.48 -6.75
C SER A 589 23.56 -7.11 -7.76
N ALA A 590 24.09 -8.28 -7.41
CA ALA A 590 25.13 -8.92 -8.20
C ALA A 590 24.56 -9.56 -9.48
N VAL A 591 25.47 -9.82 -10.42
CA VAL A 591 25.16 -10.56 -11.63
C VAL A 591 26.03 -11.84 -11.65
N PRO A 592 25.56 -12.98 -12.23
CA PRO A 592 24.18 -13.09 -12.74
C PRO A 592 23.15 -12.94 -11.63
N ASN A 593 22.04 -12.27 -11.95
CA ASN A 593 21.00 -12.01 -10.96
C ASN A 593 20.43 -13.32 -10.41
N HIS A 594 20.17 -13.35 -9.09
CA HIS A 594 19.88 -14.59 -8.38
C HIS A 594 18.47 -15.09 -8.67
N GLN A 595 17.55 -14.19 -9.03
CA GLN A 595 16.19 -14.62 -9.33
C GLN A 595 16.04 -14.98 -10.82
N MET A 596 16.62 -14.15 -11.71
CA MET A 596 16.34 -14.22 -13.14
C MET A 596 17.40 -15.03 -13.90
N GLY A 597 18.58 -15.21 -13.33
CA GLY A 597 19.69 -15.89 -14.00
C GLY A 597 20.30 -15.04 -15.11
N ARG A 598 20.33 -13.71 -14.96
CA ARG A 598 20.67 -12.83 -16.08
C ARG A 598 21.79 -11.83 -15.77
N MET A 599 22.61 -11.56 -16.80
CA MET A 599 23.61 -10.50 -16.78
C MET A 599 22.98 -9.18 -17.23
N THR A 600 23.19 -8.11 -16.44
CA THR A 600 22.75 -6.78 -16.79
C THR A 600 23.90 -5.81 -16.55
N PRO A 601 24.03 -4.72 -17.36
CA PRO A 601 25.05 -3.70 -17.11
C PRO A 601 24.90 -3.10 -15.71
N LEU A 602 26.04 -2.94 -15.03
CA LEU A 602 26.05 -2.30 -13.73
C LEU A 602 25.47 -0.89 -13.85
N GLU A 603 25.66 -0.26 -15.03
CA GLU A 603 25.03 1.03 -15.28
C GLU A 603 23.51 0.94 -15.19
N THR A 604 22.94 -0.15 -15.72
CA THR A 604 21.48 -0.24 -15.79
C THR A 604 20.91 -0.60 -14.41
N ARG A 605 21.56 -1.54 -13.72
CA ARG A 605 21.19 -1.81 -12.34
C ARG A 605 21.21 -0.52 -11.54
N GLY A 606 22.26 0.30 -11.75
CA GLY A 606 22.35 1.61 -11.13
C GLY A 606 21.14 2.50 -11.47
N LEU A 607 20.89 2.71 -12.78
CA LEU A 607 19.85 3.66 -13.16
C LEU A 607 18.47 3.18 -12.72
N VAL A 608 18.25 1.85 -12.73
CA VAL A 608 16.92 1.35 -12.40
C VAL A 608 16.65 1.54 -10.91
N ALA A 609 17.62 1.17 -10.07
CA ALA A 609 17.50 1.32 -8.63
C ALA A 609 17.34 2.80 -8.25
N MET A 610 17.86 3.73 -9.09
CA MET A 610 17.85 5.16 -8.74
C MET A 610 16.50 5.79 -9.11
N MET A 611 15.63 5.01 -9.76
CA MET A 611 14.24 5.45 -9.93
C MET A 611 13.45 5.14 -8.66
N GLY A 612 14.15 4.54 -7.68
CA GLY A 612 13.56 4.23 -6.39
C GLY A 612 14.44 4.77 -5.26
N ASN A 613 14.27 4.17 -4.08
CA ASN A 613 14.95 4.50 -2.84
C ASN A 613 16.20 3.61 -2.75
N LEU A 614 17.38 4.18 -3.04
CA LEU A 614 18.55 3.41 -3.47
C LEU A 614 19.24 2.73 -2.29
N GLY A 615 19.56 1.45 -2.49
CA GLY A 615 20.52 0.76 -1.62
C GLY A 615 21.35 -0.22 -2.44
N TYR A 616 22.20 -1.00 -1.74
CA TYR A 616 23.08 -2.00 -2.36
C TYR A 616 22.94 -3.31 -1.60
N GLU A 617 22.95 -4.40 -2.35
CA GLU A 617 22.79 -5.71 -1.77
C GLU A 617 23.69 -6.68 -2.52
N LEU A 618 25.01 -6.52 -2.33
CA LEU A 618 26.00 -7.39 -2.92
C LEU A 618 27.31 -7.31 -2.14
N ASP A 619 28.16 -8.33 -2.31
CA ASP A 619 29.40 -8.41 -1.56
C ASP A 619 30.43 -7.46 -2.14
N LEU A 620 30.52 -6.26 -1.56
CA LEU A 620 31.44 -5.21 -1.98
C LEU A 620 32.89 -5.66 -1.87
N THR A 621 33.19 -6.67 -1.03
CA THR A 621 34.59 -7.07 -0.79
C THR A 621 35.12 -7.91 -1.95
N ASN A 622 34.20 -8.41 -2.78
CA ASN A 622 34.54 -9.29 -3.89
C ASN A 622 34.51 -8.54 -5.22
N LEU A 623 34.35 -7.21 -5.16
CA LEU A 623 34.30 -6.41 -6.36
C LEU A 623 35.73 -6.03 -6.78
N SER A 624 35.92 -5.89 -8.10
CA SER A 624 37.16 -5.33 -8.64
C SER A 624 37.27 -3.87 -8.22
N ASP A 625 38.46 -3.27 -8.45
CA ASP A 625 38.68 -1.87 -8.16
C ASP A 625 37.82 -0.99 -9.07
N GLU A 626 37.56 -1.45 -10.30
N GLU A 626 37.52 -1.52 -10.27
CA GLU A 626 36.75 -0.72 -11.26
CA GLU A 626 36.81 -0.84 -11.33
C GLU A 626 35.32 -0.62 -10.74
C GLU A 626 35.32 -0.73 -10.99
N GLU A 627 34.79 -1.77 -10.33
CA GLU A 627 33.39 -1.91 -9.98
C GLU A 627 33.12 -1.10 -8.72
N LYS A 628 34.10 -1.09 -7.80
CA LYS A 628 34.08 -0.26 -6.60
C LYS A 628 34.01 1.20 -7.02
N ALA A 629 34.86 1.59 -7.99
CA ALA A 629 34.88 2.97 -8.47
C ALA A 629 33.53 3.32 -9.10
N THR A 630 32.91 2.36 -9.80
CA THR A 630 31.61 2.59 -10.43
C THR A 630 30.55 2.83 -9.35
N ILE A 631 30.57 2.00 -8.29
CA ILE A 631 29.62 2.11 -7.19
C ILE A 631 29.71 3.49 -6.54
N ALA A 632 30.95 3.95 -6.23
CA ALA A 632 31.20 5.26 -5.64
C ALA A 632 30.65 6.39 -6.51
N ASN A 633 30.78 6.25 -7.84
CA ASN A 633 30.27 7.27 -8.75
C ASN A 633 28.74 7.27 -8.73
N GLN A 634 28.16 6.07 -8.61
CA GLN A 634 26.72 5.88 -8.59
C GLN A 634 26.19 6.54 -7.33
N VAL A 635 26.96 6.37 -6.24
CA VAL A 635 26.52 6.87 -4.95
C VAL A 635 26.62 8.39 -4.97
N ASN A 636 27.70 8.91 -5.57
CA ASN A 636 27.85 10.35 -5.76
C ASN A 636 26.72 10.89 -6.62
N LEU A 637 26.34 10.15 -7.67
CA LEU A 637 25.29 10.63 -8.56
C LEU A 637 23.99 10.71 -7.77
N TYR A 638 23.66 9.63 -7.04
CA TYR A 638 22.37 9.57 -6.37
C TYR A 638 22.25 10.62 -5.27
N LYS A 639 23.35 10.92 -4.54
CA LYS A 639 23.31 11.96 -3.52
C LYS A 639 22.79 13.29 -4.11
N GLU A 640 23.15 13.52 -5.38
CA GLU A 640 22.66 14.63 -6.19
C GLU A 640 21.19 14.43 -6.58
N LEU A 641 20.83 13.20 -7.00
CA LEU A 641 19.53 12.90 -7.60
C LEU A 641 18.45 12.69 -6.54
N ARG A 642 18.87 12.34 -5.31
CA ARG A 642 17.99 11.90 -4.24
C ARG A 642 16.84 12.88 -4.02
N PRO A 643 17.09 14.20 -3.80
CA PRO A 643 15.98 15.14 -3.65
C PRO A 643 15.02 15.11 -4.84
N VAL A 644 15.53 15.03 -6.06
CA VAL A 644 14.65 15.07 -7.23
C VAL A 644 13.79 13.80 -7.23
N VAL A 645 14.42 12.65 -6.97
CA VAL A 645 13.70 11.38 -7.05
C VAL A 645 12.76 11.23 -5.85
N GLN A 646 13.24 11.54 -4.64
CA GLN A 646 12.48 11.23 -3.43
C GLN A 646 11.49 12.33 -3.08
N LEU A 647 11.74 13.57 -3.54
CA LEU A 647 10.93 14.68 -3.07
C LEU A 647 10.14 15.29 -4.23
N GLY A 648 10.53 14.95 -5.47
CA GLY A 648 10.04 15.61 -6.66
C GLY A 648 8.76 14.94 -7.17
N GLN A 649 8.32 15.34 -8.38
CA GLN A 649 7.12 14.85 -9.04
C GLN A 649 7.54 13.88 -10.14
N GLN A 650 6.93 12.67 -10.13
CA GLN A 650 7.22 11.58 -11.07
C GLN A 650 6.26 11.64 -12.25
N TYR A 651 6.81 11.54 -13.46
CA TYR A 651 6.04 11.42 -14.69
C TYR A 651 6.54 10.21 -15.47
N ARG A 652 5.63 9.23 -15.65
CA ARG A 652 5.86 8.07 -16.48
C ARG A 652 5.81 8.53 -17.93
N LEU A 653 6.83 8.18 -18.71
CA LEU A 653 6.86 8.62 -20.10
C LEU A 653 6.66 7.41 -21.01
N ILE A 654 7.30 6.29 -20.70
CA ILE A 654 7.00 5.07 -21.43
C ILE A 654 6.82 3.95 -20.41
N ASN A 655 5.71 3.22 -20.52
CA ASN A 655 5.37 2.27 -19.47
C ASN A 655 5.95 0.90 -19.79
N PRO A 656 6.63 0.24 -18.83
CA PRO A 656 7.14 -1.11 -19.03
C PRO A 656 5.98 -2.06 -18.83
N ASP A 657 5.13 -2.21 -19.83
CA ASP A 657 4.07 -3.19 -19.67
C ASP A 657 4.42 -4.46 -20.40
N THR A 658 3.40 -5.29 -20.59
CA THR A 658 3.55 -6.64 -21.08
C THR A 658 4.25 -6.66 -22.44
N VAL A 659 3.99 -5.65 -23.29
CA VAL A 659 4.37 -5.68 -24.70
C VAL A 659 5.53 -4.71 -24.99
N SER A 660 5.68 -3.65 -24.19
CA SER A 660 6.66 -2.60 -24.44
C SER A 660 8.09 -3.15 -24.32
N ASN A 661 9.01 -2.61 -25.12
CA ASN A 661 10.42 -2.98 -25.08
C ASN A 661 11.22 -1.92 -24.33
N GLU A 662 10.51 -1.00 -23.65
CA GLU A 662 11.12 0.21 -23.13
C GLU A 662 10.49 0.61 -21.81
N ALA A 663 11.23 1.44 -21.04
CA ALA A 663 10.73 2.13 -19.88
C ALA A 663 11.36 3.53 -19.78
N ALA A 664 10.55 4.56 -19.48
CA ALA A 664 11.11 5.87 -19.20
C ALA A 664 10.27 6.59 -18.15
N VAL A 665 10.98 7.14 -17.15
CA VAL A 665 10.38 7.89 -16.06
C VAL A 665 11.15 9.20 -15.87
N GLN A 666 10.38 10.29 -15.71
CA GLN A 666 10.90 11.63 -15.47
C GLN A 666 10.57 12.08 -14.04
N PHE A 667 11.49 12.84 -13.43
CA PHE A 667 11.22 13.52 -12.17
C PHE A 667 11.57 15.01 -12.31
N ASN A 668 10.64 15.86 -11.86
CA ASN A 668 10.82 17.30 -11.75
C ASN A 668 10.91 17.72 -10.27
N TYR A 669 11.83 18.64 -9.97
CA TYR A 669 11.98 19.16 -8.63
C TYR A 669 12.67 20.53 -8.69
N GLY A 670 11.87 21.59 -8.49
CA GLY A 670 12.34 22.94 -8.72
C GLY A 670 13.06 23.07 -10.06
N ASN A 671 14.33 23.45 -10.02
CA ASN A 671 15.09 23.74 -11.22
C ASN A 671 15.69 22.47 -11.81
N GLN A 672 15.30 21.29 -11.30
CA GLN A 672 15.95 20.06 -11.73
C GLN A 672 14.96 19.14 -12.39
N THR A 673 15.36 18.60 -13.56
CA THR A 673 14.59 17.62 -14.31
C THR A 673 15.50 16.48 -14.75
N ILE A 674 15.11 15.25 -14.42
CA ILE A 674 15.89 14.08 -14.82
C ILE A 674 14.98 13.12 -15.60
N VAL A 675 15.56 12.37 -16.55
CA VAL A 675 14.81 11.36 -17.27
C VAL A 675 15.69 10.12 -17.39
N THR A 676 15.14 8.97 -17.01
CA THR A 676 15.83 7.69 -17.18
C THR A 676 15.13 6.92 -18.29
N TYR A 677 15.94 6.34 -19.18
CA TYR A 677 15.46 5.53 -20.27
C TYR A 677 16.12 4.18 -20.20
N VAL A 678 15.33 3.10 -20.29
CA VAL A 678 15.85 1.73 -20.38
C VAL A 678 15.21 1.08 -21.59
N ARG A 679 16.02 0.29 -22.32
CA ARG A 679 15.51 -0.57 -23.38
C ARG A 679 15.83 -2.01 -23.02
N VAL A 680 14.83 -2.89 -23.10
CA VAL A 680 15.05 -4.29 -22.76
C VAL A 680 15.75 -5.06 -23.88
N LEU A 681 15.10 -5.35 -25.02
CA LEU A 681 15.84 -6.08 -26.04
C LEU A 681 16.47 -5.14 -27.08
N SER A 682 17.70 -5.50 -27.50
CA SER A 682 18.41 -4.84 -28.60
C SER A 682 17.53 -4.89 -29.85
N VAL A 683 17.56 -3.82 -30.66
CA VAL A 683 16.81 -3.78 -31.91
C VAL A 683 17.75 -3.38 -33.04
N VAL A 684 17.35 -3.65 -34.28
CA VAL A 684 18.18 -3.33 -35.44
C VAL A 684 17.26 -2.82 -36.55
N GLU A 685 17.79 -1.91 -37.39
CA GLU A 685 17.03 -1.29 -38.47
C GLU A 685 15.65 -0.88 -37.95
N THR A 686 15.67 -0.15 -36.83
CA THR A 686 14.48 0.38 -36.19
C THR A 686 14.75 1.86 -35.88
N MET A 687 13.91 2.79 -36.35
CA MET A 687 14.18 4.20 -36.10
C MET A 687 14.17 4.47 -34.59
N GLU A 688 15.11 5.31 -34.12
CA GLU A 688 15.24 5.69 -32.71
C GLU A 688 13.91 6.22 -32.18
N THR A 689 13.60 5.89 -30.90
CA THR A 689 12.46 6.42 -30.17
C THR A 689 12.57 7.94 -30.05
N THR A 690 11.43 8.63 -30.13
CA THR A 690 11.33 10.04 -29.75
C THR A 690 10.61 10.13 -28.41
N LEU A 691 11.27 10.75 -27.43
CA LEU A 691 10.85 10.74 -26.04
C LEU A 691 10.58 12.18 -25.59
N LYS A 692 9.31 12.52 -25.38
CA LYS A 692 8.91 13.88 -25.03
C LYS A 692 8.74 13.97 -23.52
N LEU A 693 9.25 15.07 -22.92
CA LEU A 693 9.13 15.32 -21.50
C LEU A 693 7.79 16.00 -21.20
N LYS A 694 7.37 15.99 -19.92
CA LYS A 694 6.09 16.56 -19.48
C LYS A 694 6.31 17.64 -18.42
N ASP A 695 5.33 18.55 -18.35
CA ASP A 695 5.16 19.50 -17.27
C ASP A 695 6.39 20.39 -17.08
N LEU A 696 6.85 21.00 -18.18
CA LEU A 696 7.89 22.01 -18.16
C LEU A 696 7.27 23.37 -18.47
N ASP A 697 8.03 24.46 -18.25
CA ASP A 697 7.66 25.78 -18.74
C ASP A 697 8.02 25.85 -20.21
N GLU A 698 7.04 26.20 -21.03
CA GLU A 698 7.24 26.33 -22.46
C GLU A 698 8.41 27.27 -22.73
N GLU A 699 8.46 28.36 -21.96
CA GLU A 699 9.43 29.44 -22.15
C GLU A 699 10.69 29.18 -21.34
N GLY A 700 10.64 28.19 -20.45
CA GLY A 700 11.79 27.78 -19.66
C GLY A 700 12.95 27.38 -20.55
N LEU A 701 14.18 27.61 -20.07
CA LEU A 701 15.38 27.21 -20.77
C LEU A 701 16.04 26.08 -19.97
N TYR A 702 16.20 24.92 -20.62
CA TYR A 702 16.67 23.73 -19.94
C TYR A 702 18.01 23.29 -20.51
N LYS A 703 19.00 23.27 -19.61
CA LYS A 703 20.36 22.98 -20.02
C LYS A 703 20.64 21.52 -19.69
N LEU A 704 20.89 20.74 -20.75
CA LEU A 704 21.23 19.32 -20.68
C LEU A 704 22.71 19.17 -20.33
N GLN A 705 22.96 18.47 -19.22
CA GLN A 705 24.28 18.31 -18.63
C GLN A 705 25.27 17.65 -19.60
N GLU A 706 24.83 16.61 -20.30
CA GLU A 706 25.79 15.81 -21.03
C GLU A 706 26.40 16.60 -22.20
N ASN A 707 25.64 17.49 -22.85
CA ASN A 707 26.10 18.13 -24.07
C ASN A 707 26.17 19.65 -23.90
N GLY A 708 25.67 20.16 -22.78
CA GLY A 708 25.74 21.60 -22.53
C GLY A 708 24.67 22.40 -23.28
N GLU A 709 23.85 21.72 -24.10
CA GLU A 709 22.89 22.40 -24.95
C GLU A 709 21.70 22.92 -24.13
N VAL A 710 21.14 24.04 -24.58
CA VAL A 710 20.01 24.65 -23.90
C VAL A 710 18.78 24.54 -24.79
N TYR A 711 17.75 23.85 -24.27
CA TYR A 711 16.48 23.60 -24.96
C TYR A 711 15.33 24.28 -24.22
N SER A 712 14.44 24.92 -24.98
CA SER A 712 13.24 25.43 -24.32
C SER A 712 12.40 24.25 -23.86
N GLY A 713 11.56 24.47 -22.86
CA GLY A 713 10.66 23.41 -22.43
C GLY A 713 9.74 22.98 -23.56
N ALA A 714 9.35 23.93 -24.41
CA ALA A 714 8.44 23.62 -25.50
C ALA A 714 9.09 22.60 -26.44
N GLU A 715 10.39 22.75 -26.70
CA GLU A 715 11.09 21.84 -27.59
C GLU A 715 11.12 20.43 -26.97
N LEU A 716 11.38 20.36 -25.67
CA LEU A 716 11.54 19.10 -24.96
C LEU A 716 10.18 18.41 -24.87
N MET A 717 9.10 19.19 -24.77
CA MET A 717 7.78 18.62 -24.58
C MET A 717 7.15 18.30 -25.93
N TYR A 718 7.40 19.12 -26.97
CA TYR A 718 6.62 19.03 -28.20
C TYR A 718 7.41 18.34 -29.33
N ALA A 719 8.74 18.37 -29.26
CA ALA A 719 9.55 17.71 -30.26
C ALA A 719 10.18 16.47 -29.64
N GLY A 720 10.76 16.64 -28.45
CA GLY A 720 11.26 15.51 -27.69
C GLY A 720 12.70 15.15 -28.03
N LEU A 721 13.21 14.09 -27.38
CA LEU A 721 14.57 13.64 -27.55
C LEU A 721 14.62 12.42 -28.47
N THR A 722 15.46 12.50 -29.52
CA THR A 722 15.91 11.29 -30.20
C THR A 722 16.78 10.50 -29.23
N VAL A 723 16.32 9.30 -28.89
CA VAL A 723 16.97 8.46 -27.89
C VAL A 723 17.90 7.53 -28.64
N ILE A 724 19.21 7.63 -28.38
CA ILE A 724 20.24 6.89 -29.09
C ILE A 724 20.89 5.86 -28.17
N LEU A 725 21.13 4.65 -28.69
CA LEU A 725 21.79 3.58 -27.95
C LEU A 725 22.65 2.74 -28.89
N SER A 726 23.75 2.17 -28.37
CA SER A 726 24.51 1.13 -29.07
C SER A 726 23.65 -0.12 -29.23
N GLN A 727 24.22 -1.15 -29.87
CA GLN A 727 23.65 -2.49 -29.92
C GLN A 727 23.79 -3.17 -28.56
N GLY A 728 22.73 -3.83 -28.10
CA GLY A 728 22.83 -4.66 -26.91
C GLY A 728 21.56 -4.64 -26.06
N ASP A 729 21.45 -5.66 -25.21
CA ASP A 729 20.31 -5.85 -24.32
C ASP A 729 20.49 -5.01 -23.07
N PHE A 730 19.37 -4.51 -22.54
CA PHE A 730 19.30 -3.98 -21.18
C PHE A 730 20.16 -2.73 -21.04
N LEU A 731 20.29 -1.92 -22.12
CA LEU A 731 21.02 -0.68 -22.03
C LEU A 731 20.10 0.41 -21.48
N SER A 732 20.72 1.44 -20.90
CA SER A 732 19.97 2.52 -20.27
C SER A 732 20.69 3.84 -20.51
N ARG A 733 19.97 4.97 -20.39
CA ARG A 733 20.66 6.24 -20.23
C ARG A 733 19.81 7.22 -19.44
N GLN A 734 20.49 8.26 -18.95
CA GLN A 734 19.86 9.30 -18.17
C GLN A 734 20.16 10.66 -18.80
N TYR A 735 19.13 11.51 -18.86
CA TYR A 735 19.30 12.89 -19.27
C TYR A 735 19.06 13.74 -18.02
N ILE A 736 19.97 14.67 -17.74
CA ILE A 736 19.84 15.59 -16.61
C ILE A 736 19.79 17.02 -17.12
N PHE A 737 18.78 17.76 -16.65
CA PHE A 737 18.53 19.12 -17.10
C PHE A 737 18.51 20.06 -15.90
N ARG A 738 19.13 21.24 -16.08
CA ARG A 738 18.95 22.34 -15.14
C ARG A 738 18.19 23.46 -15.83
N LYS A 739 17.11 23.92 -15.18
CA LYS A 739 16.38 25.07 -15.69
C LYS A 739 17.18 26.31 -15.28
N LEU A 740 17.46 27.21 -16.24
CA LEU A 740 18.41 28.30 -16.00
C LEU A 740 17.74 29.47 -15.28
C1 EDO B . -21.27 9.13 -9.67
O1 EDO B . -22.00 10.29 -9.29
C2 EDO B . -21.44 8.04 -8.68
O2 EDO B . -22.81 7.69 -8.57
C1 EDO C . 16.55 2.82 -28.29
O1 EDO C . 16.53 1.87 -29.35
C2 EDO C . 15.53 3.92 -28.45
O2 EDO C . 15.74 4.72 -29.60
O1 TLA D . 1.72 9.71 16.07
O11 TLA D . 1.53 8.36 14.33
C1 TLA D . 1.88 9.47 14.84
C2 TLA D . 2.53 10.54 13.97
O2 TLA D . 3.13 11.65 14.70
C3 TLA D . 1.51 11.13 12.98
O3 TLA D . 0.57 11.97 13.68
C4 TLA D . 2.22 11.96 11.94
O4 TLA D . 1.74 13.12 11.74
O41 TLA D . 3.23 11.49 11.34
#